data_4R8D
#
_entry.id   4R8D
#
_cell.length_a   67.525
_cell.length_b   101.523
_cell.length_c   114.947
_cell.angle_alpha   90.00
_cell.angle_beta   90.00
_cell.angle_gamma   90.00
#
_symmetry.space_group_name_H-M   'P 21 21 21'
#
loop_
_entity.id
_entity.type
_entity.pdbx_description
1 polymer 'Histidinol-phosphate aminotransferase'
2 non-polymer "PYRIDOXAL-5'-PHOSPHATE"
3 non-polymer '2-(N-MORPHOLINO)-ETHANESULFONIC ACID'
4 non-polymer 'SULFATE ION'
5 water water
#
_entity_poly.entity_id   1
_entity_poly.type   'polypeptide(L)'
_entity_poly.pdbx_seq_one_letter_code
;MMTRSGHPVTLDDLPLRADLRGKAPYGAPQLAVPVRLNTNENPHPPTRALVDDVVRSVREAAIDLHRYPDRDAVALRADL
AGYLTAQTGIQLGVENIWAANGSNEILQQLLQAFGGPGRSAIGFVPSYSMHPIISDGTHTEWIEASRANDFGLDVDVAVA
AVVDRKPDVVFIASPNNPSGQSVSLPDLCKLLDVAPGIAIVDEAYGEFSSQPSAVSLVEEYPSKLVVTRTMSKAFAFAGG
RLGYLIATPAVIDAMLLVRLPYHLSSVTQAAARAALRHSDDTLSSVAALIAERERVTTSLNDMGFRVIPSDANFVLFGEF
ADAPAAWRRYLEAGILIRDVGIPGYLRATTGLAEENDAFLRASARIATDLVPVTRSPVGAPKLAAALEHHHHHH
;
_entity_poly.pdbx_strand_id   A,B
#
# COMPACT_ATOMS: atom_id res chain seq x y z
N GLY A 6 13.57 -16.25 30.17
CA GLY A 6 15.02 -16.23 29.85
C GLY A 6 15.41 -15.07 28.95
N HIS A 7 15.27 -15.27 27.64
CA HIS A 7 15.63 -14.27 26.63
C HIS A 7 14.46 -14.04 25.65
N PRO A 8 14.06 -12.78 25.41
CA PRO A 8 13.02 -12.52 24.40
C PRO A 8 13.54 -12.82 23.01
N VAL A 9 12.67 -13.28 22.11
CA VAL A 9 13.12 -13.63 20.76
C VAL A 9 13.50 -12.37 20.01
N THR A 10 14.66 -12.40 19.36
CA THR A 10 15.15 -11.28 18.57
C THR A 10 14.96 -11.53 17.06
N LEU A 11 15.27 -10.52 16.28
CA LEU A 11 15.24 -10.63 14.83
C LEU A 11 16.20 -11.74 14.35
N ASP A 12 17.35 -11.89 15.01
CA ASP A 12 18.28 -13.00 14.71
C ASP A 12 17.60 -14.35 14.82
N ASP A 13 16.67 -14.47 15.77
CA ASP A 13 15.97 -15.74 16.03
C ASP A 13 14.86 -16.00 15.01
N LEU A 14 14.43 -14.97 14.27
CA LEU A 14 13.39 -15.13 13.26
C LEU A 14 14.00 -15.57 11.95
N PRO A 15 13.25 -16.35 11.15
CA PRO A 15 13.76 -16.80 9.85
C PRO A 15 13.70 -15.73 8.75
N LEU A 16 14.11 -14.52 9.09
CA LEU A 16 14.18 -13.43 8.14
C LEU A 16 15.08 -13.79 6.94
N ARG A 17 14.78 -13.25 5.75
CA ARG A 17 15.64 -13.45 4.59
C ARG A 17 17.07 -12.98 4.87
N ALA A 18 18.06 -13.71 4.39
CA ALA A 18 19.47 -13.36 4.68
C ALA A 18 19.80 -11.99 4.12
N ASP A 19 19.28 -11.68 2.93
CA ASP A 19 19.45 -10.37 2.32
C ASP A 19 18.75 -9.19 3.04
N LEU A 20 18.03 -9.46 4.13
CA LEU A 20 17.50 -8.40 5.00
C LEU A 20 18.20 -8.34 6.36
N ARG A 21 19.17 -9.22 6.59
CA ARG A 21 19.90 -9.24 7.86
C ARG A 21 20.80 -8.03 8.02
N GLY A 22 20.92 -7.57 9.25
CA GLY A 22 21.80 -6.45 9.59
C GLY A 22 21.46 -5.10 8.97
N LYS A 23 20.33 -5.00 8.28
CA LYS A 23 19.88 -3.74 7.67
C LYS A 23 19.06 -2.99 8.70
N ALA A 24 19.13 -1.66 8.67
CA ALA A 24 18.31 -0.82 9.54
C ALA A 24 17.08 -0.33 8.77
N PRO A 25 15.95 -0.11 9.46
CA PRO A 25 14.75 0.41 8.78
C PRO A 25 14.94 1.83 8.22
N TYR A 26 14.25 2.13 7.12
CA TYR A 26 14.29 3.48 6.57
C TYR A 26 13.66 4.48 7.56
N GLY A 27 14.10 5.73 7.48
CA GLY A 27 13.48 6.82 8.22
C GLY A 27 14.40 7.43 9.25
N ALA A 28 14.41 8.77 9.29
CA ALA A 28 15.16 9.52 10.31
C ALA A 28 14.44 9.43 11.66
N PRO A 29 15.18 9.26 12.78
CA PRO A 29 14.49 9.28 14.08
C PRO A 29 13.70 10.57 14.34
N GLN A 30 12.64 10.47 15.14
CA GLN A 30 11.69 11.57 15.36
C GLN A 30 12.35 12.82 15.96
N LEU A 31 11.75 13.98 15.68
CA LEU A 31 12.19 15.26 16.25
C LEU A 31 11.10 16.34 16.07
N ALA A 32 10.52 16.77 17.18
CA ALA A 32 9.55 17.88 17.19
C ALA A 32 10.27 19.18 17.59
N VAL A 33 11.14 19.66 16.70
CA VAL A 33 11.95 20.87 16.95
C VAL A 33 11.37 22.06 16.16
N PRO A 34 11.76 23.29 16.56
CA PRO A 34 11.03 24.47 16.08
C PRO A 34 10.93 24.55 14.55
N VAL A 35 12.06 24.39 13.86
CA VAL A 35 12.13 24.62 12.40
C VAL A 35 12.47 23.35 11.64
N ARG A 36 11.51 22.86 10.87
CA ARG A 36 11.68 21.63 10.11
C ARG A 36 11.66 21.91 8.63
N LEU A 37 12.83 21.77 8.02
CA LEU A 37 13.01 22.00 6.59
C LEU A 37 13.81 20.85 5.97
N ASN A 38 13.51 19.62 6.41
CA ASN A 38 14.23 18.43 5.97
C ASN A 38 13.42 17.47 5.10
N THR A 39 12.10 17.65 5.06
CA THR A 39 11.30 16.91 4.08
C THR A 39 10.57 17.97 3.27
N ASN A 40 10.48 17.71 1.97
CA ASN A 40 10.04 18.71 1.03
C ASN A 40 8.53 18.95 1.00
N GLU A 41 7.96 19.01 2.19
CA GLU A 41 6.54 19.33 2.35
C GLU A 41 6.24 20.79 2.02
N ASN A 42 5.05 21.02 1.50
CA ASN A 42 4.46 22.35 1.45
C ASN A 42 4.32 22.83 2.89
N PRO A 43 4.85 24.02 3.21
CA PRO A 43 4.70 24.56 4.56
C PRO A 43 3.34 25.22 4.81
N HIS A 44 2.57 25.45 3.75
CA HIS A 44 1.27 26.11 3.88
C HIS A 44 0.16 25.08 4.15
N PRO A 45 -0.40 25.08 5.38
CA PRO A 45 -1.44 24.07 5.64
C PRO A 45 -2.67 24.30 4.76
N PRO A 46 -3.47 23.25 4.50
CA PRO A 46 -4.73 23.37 3.76
C PRO A 46 -5.60 24.54 4.26
N THR A 47 -6.34 25.15 3.34
CA THR A 47 -7.31 26.19 3.71
C THR A 47 -8.56 25.55 4.30
N ARG A 48 -9.23 26.29 5.19
CA ARG A 48 -10.52 25.86 5.75
C ARG A 48 -11.45 25.30 4.67
N ALA A 49 -11.52 25.95 3.51
CA ALA A 49 -12.43 25.53 2.44
C ALA A 49 -12.05 24.15 1.88
N LEU A 50 -10.74 23.92 1.76
CA LEU A 50 -10.22 22.60 1.36
C LEU A 50 -10.61 21.53 2.40
N VAL A 51 -10.35 21.85 3.67
CA VAL A 51 -10.69 20.95 4.76
C VAL A 51 -12.19 20.60 4.76
N ASP A 52 -13.06 21.57 4.48
CA ASP A 52 -14.48 21.32 4.45
C ASP A 52 -14.85 20.39 3.30
N ASP A 53 -14.19 20.53 2.16
CA ASP A 53 -14.51 19.71 1.00
C ASP A 53 -14.01 18.29 1.23
N VAL A 54 -12.79 18.14 1.75
CA VAL A 54 -12.31 16.80 2.14
C VAL A 54 -13.34 16.17 3.07
N VAL A 55 -13.65 16.88 4.14
CA VAL A 55 -14.57 16.38 5.14
C VAL A 55 -15.92 15.96 4.56
N ARG A 56 -16.47 16.79 3.68
CA ARG A 56 -17.78 16.50 3.10
C ARG A 56 -17.72 15.29 2.16
N SER A 57 -16.60 15.15 1.45
CA SER A 57 -16.40 14.04 0.53
C SER A 57 -16.17 12.75 1.30
N VAL A 58 -15.49 12.86 2.44
CA VAL A 58 -15.26 11.71 3.30
C VAL A 58 -16.56 11.31 3.99
N ARG A 59 -17.35 12.29 4.40
CA ARG A 59 -18.63 12.00 5.04
C ARG A 59 -19.53 11.27 4.07
N GLU A 60 -19.54 11.69 2.81
CA GLU A 60 -20.37 11.06 1.80
C GLU A 60 -20.01 9.60 1.59
N ALA A 61 -18.72 9.30 1.52
CA ALA A 61 -18.24 7.93 1.35
C ALA A 61 -18.34 7.12 2.64
N ALA A 62 -18.27 7.79 3.79
CA ALA A 62 -18.29 7.11 5.09
C ALA A 62 -19.54 6.28 5.38
N ILE A 63 -20.67 6.60 4.77
CA ILE A 63 -21.89 5.84 5.01
C ILE A 63 -21.84 4.43 4.39
N ASP A 64 -20.90 4.15 3.49
CA ASP A 64 -20.77 2.81 2.90
C ASP A 64 -19.42 2.16 3.21
N LEU A 65 -18.86 2.47 4.37
CA LEU A 65 -17.59 1.89 4.79
C LEU A 65 -17.61 0.37 4.88
N HIS A 66 -18.80 -0.19 5.11
CA HIS A 66 -18.99 -1.63 5.18
C HIS A 66 -18.74 -2.32 3.85
N ARG A 67 -18.68 -1.54 2.77
CA ARG A 67 -18.47 -2.08 1.44
C ARG A 67 -17.04 -1.83 0.97
N TYR A 68 -16.50 -2.76 0.19
CA TYR A 68 -15.23 -2.54 -0.49
C TYR A 68 -15.32 -1.31 -1.37
N PRO A 69 -14.21 -0.56 -1.53
CA PRO A 69 -14.19 0.66 -2.33
C PRO A 69 -14.16 0.33 -3.82
N ASP A 70 -14.31 1.34 -4.67
CA ASP A 70 -14.13 1.15 -6.10
C ASP A 70 -12.69 0.67 -6.36
N ARG A 71 -12.59 -0.55 -6.89
CA ARG A 71 -11.31 -1.22 -7.09
C ARG A 71 -10.37 -0.42 -7.98
N ASP A 72 -10.89 0.00 -9.13
CA ASP A 72 -10.11 0.70 -10.14
C ASP A 72 -10.11 2.22 -9.98
N ALA A 73 -10.72 2.72 -8.90
CA ALA A 73 -10.68 4.15 -8.57
C ALA A 73 -10.89 5.07 -9.79
N VAL A 74 -11.96 4.82 -10.53
CA VAL A 74 -12.19 5.49 -11.82
C VAL A 74 -12.33 7.02 -11.70
N ALA A 75 -13.18 7.51 -10.80
CA ALA A 75 -13.41 8.96 -10.69
C ALA A 75 -12.15 9.71 -10.32
N LEU A 76 -11.37 9.19 -9.37
CA LEU A 76 -10.10 9.81 -9.00
C LEU A 76 -9.18 9.93 -10.21
N ARG A 77 -9.07 8.85 -10.97
CA ARG A 77 -8.13 8.81 -12.08
C ARG A 77 -8.57 9.79 -13.17
N ALA A 78 -9.89 9.90 -13.37
CA ALA A 78 -10.43 10.86 -14.33
C ALA A 78 -10.16 12.30 -13.86
N ASP A 79 -10.33 12.57 -12.57
CA ASP A 79 -10.02 13.89 -12.01
C ASP A 79 -8.52 14.21 -12.10
N LEU A 80 -7.66 13.19 -11.97
CA LEU A 80 -6.22 13.41 -12.12
C LEU A 80 -5.93 13.73 -13.59
N ALA A 81 -6.48 12.93 -14.51
CA ALA A 81 -6.35 13.23 -15.94
C ALA A 81 -6.72 14.68 -16.25
N GLY A 82 -7.84 15.13 -15.71
CA GLY A 82 -8.38 16.47 -15.95
C GLY A 82 -7.45 17.53 -15.42
N TYR A 83 -7.08 17.43 -14.14
CA TYR A 83 -6.10 18.37 -13.59
C TYR A 83 -4.87 18.49 -14.48
N LEU A 84 -4.33 17.34 -14.89
CA LEU A 84 -3.02 17.33 -15.54
C LEU A 84 -3.12 17.78 -16.99
N THR A 85 -4.21 17.41 -17.67
CA THR A 85 -4.57 18.00 -18.95
C THR A 85 -4.57 19.53 -18.87
N ALA A 86 -5.26 20.07 -17.89
CA ALA A 86 -5.35 21.52 -17.74
C ALA A 86 -3.98 22.09 -17.45
N GLN A 87 -3.23 21.41 -16.61
CA GLN A 87 -1.93 21.86 -16.17
C GLN A 87 -0.87 21.84 -17.28
N THR A 88 -0.94 20.86 -18.18
CA THR A 88 0.09 20.72 -19.20
C THR A 88 -0.40 20.87 -20.64
N GLY A 89 -1.68 21.18 -20.84
CA GLY A 89 -2.23 21.26 -22.19
C GLY A 89 -2.16 19.95 -22.97
N ILE A 90 -1.62 18.90 -22.36
CA ILE A 90 -1.55 17.61 -23.02
C ILE A 90 -2.83 16.87 -22.72
N GLN A 91 -3.44 16.33 -23.77
CA GLN A 91 -4.70 15.62 -23.65
C GLN A 91 -4.53 14.24 -23.02
N LEU A 92 -5.04 14.11 -21.79
CA LEU A 92 -5.02 12.85 -21.03
C LEU A 92 -6.43 12.47 -20.57
N GLY A 93 -6.72 11.18 -20.47
CA GLY A 93 -7.94 10.66 -19.85
C GLY A 93 -7.67 9.55 -18.83
N VAL A 94 -8.72 9.15 -18.13
CA VAL A 94 -8.68 8.07 -17.14
C VAL A 94 -7.71 6.94 -17.49
N GLU A 95 -7.70 6.56 -18.77
CA GLU A 95 -7.01 5.36 -19.21
C GLU A 95 -5.48 5.55 -19.24
N ASN A 96 -5.03 6.78 -19.06
CA ASN A 96 -3.60 7.10 -18.99
C ASN A 96 -3.09 7.23 -17.57
N ILE A 97 -3.99 7.18 -16.59
CA ILE A 97 -3.65 7.46 -15.20
C ILE A 97 -3.79 6.19 -14.35
N TRP A 98 -2.85 6.02 -13.42
CA TRP A 98 -2.96 4.99 -12.39
C TRP A 98 -2.51 5.57 -11.04
N ALA A 99 -3.29 5.32 -9.99
CA ALA A 99 -3.04 5.90 -8.67
C ALA A 99 -2.71 4.84 -7.63
N ALA A 100 -2.03 5.24 -6.56
CA ALA A 100 -1.68 4.33 -5.49
C ALA A 100 -1.32 5.15 -4.25
N ASN A 101 -1.04 4.46 -3.15
CA ASN A 101 -0.80 5.10 -1.86
C ASN A 101 0.58 5.73 -1.82
N GLY A 102 0.69 6.93 -2.37
CA GLY A 102 1.97 7.61 -2.52
C GLY A 102 2.68 7.15 -3.78
N SER A 103 3.63 7.96 -4.23
CA SER A 103 4.58 7.57 -5.28
C SER A 103 5.34 6.32 -4.90
N ASN A 104 5.71 6.18 -3.63
CA ASN A 104 6.33 4.94 -3.16
C ASN A 104 5.63 3.70 -3.74
N GLU A 105 4.32 3.64 -3.62
CA GLU A 105 3.59 2.44 -4.05
C GLU A 105 3.52 2.34 -5.57
N ILE A 106 3.45 3.50 -6.23
CA ILE A 106 3.50 3.57 -7.69
C ILE A 106 4.83 2.99 -8.18
N LEU A 107 5.93 3.39 -7.55
CA LEU A 107 7.24 2.89 -7.94
C LEU A 107 7.35 1.42 -7.67
N GLN A 108 6.85 0.98 -6.52
CA GLN A 108 6.90 -0.43 -6.19
C GLN A 108 6.17 -1.24 -7.25
N GLN A 109 4.95 -0.83 -7.55
CA GLN A 109 4.14 -1.48 -8.60
C GLN A 109 4.83 -1.52 -9.96
N LEU A 110 5.48 -0.41 -10.31
CA LEU A 110 6.18 -0.35 -11.59
C LEU A 110 7.37 -1.31 -11.66
N LEU A 111 8.09 -1.44 -10.55
CA LEU A 111 9.23 -2.37 -10.50
C LEU A 111 8.77 -3.83 -10.44
N GLN A 112 7.60 -4.09 -9.85
CA GLN A 112 7.05 -5.46 -9.88
C GLN A 112 6.72 -5.89 -11.30
N ALA A 113 6.19 -4.96 -12.08
CA ALA A 113 5.74 -5.28 -13.44
C ALA A 113 6.92 -5.32 -14.39
N PHE A 114 7.86 -4.41 -14.18
CA PHE A 114 8.92 -4.15 -15.17
C PHE A 114 10.36 -4.35 -14.72
N GLY A 115 10.60 -4.42 -13.41
CA GLY A 115 11.90 -4.85 -12.89
C GLY A 115 11.74 -6.20 -12.20
N GLY A 116 12.18 -6.28 -10.95
CA GLY A 116 12.08 -7.50 -10.17
C GLY A 116 13.25 -8.46 -10.38
N PRO A 117 13.11 -9.72 -9.91
CA PRO A 117 14.20 -10.69 -9.98
C PRO A 117 14.68 -11.02 -11.39
N GLY A 118 16.00 -10.99 -11.57
CA GLY A 118 16.60 -11.22 -12.86
C GLY A 118 16.77 -9.95 -13.67
N ARG A 119 16.22 -8.83 -13.17
CA ARG A 119 16.23 -7.57 -13.89
C ARG A 119 16.95 -6.48 -13.10
N SER A 120 17.20 -5.37 -13.78
CA SER A 120 18.03 -4.32 -13.22
C SER A 120 17.43 -2.94 -13.49
N ALA A 121 17.84 -1.99 -12.67
CA ALA A 121 17.43 -0.60 -12.81
C ALA A 121 18.65 0.26 -12.61
N ILE A 122 18.67 1.39 -13.32
CA ILE A 122 19.77 2.35 -13.21
C ILE A 122 19.32 3.73 -12.73
N GLY A 123 20.15 4.35 -11.90
CA GLY A 123 19.95 5.72 -11.46
C GLY A 123 21.21 6.52 -11.71
N PHE A 124 21.05 7.82 -11.88
CA PHE A 124 22.18 8.71 -12.10
C PHE A 124 22.35 9.58 -10.86
N VAL A 125 23.46 9.35 -10.15
CA VAL A 125 23.59 9.78 -8.75
C VAL A 125 24.55 10.95 -8.53
N PRO A 126 24.38 11.73 -7.45
CA PRO A 126 23.34 11.62 -6.42
C PRO A 126 21.92 11.96 -6.92
N SER A 127 20.99 11.07 -6.60
CA SER A 127 19.57 11.30 -6.83
C SER A 127 18.78 10.76 -5.64
N TYR A 128 17.53 10.40 -5.90
CA TYR A 128 16.52 10.19 -4.86
C TYR A 128 16.67 8.87 -4.10
N SER A 129 16.79 8.99 -2.77
CA SER A 129 17.03 7.85 -1.87
C SER A 129 16.11 6.63 -2.04
N MET A 130 14.84 6.87 -2.39
CA MET A 130 13.86 5.78 -2.42
C MET A 130 13.94 4.91 -3.67
N HIS A 131 14.56 5.43 -4.73
CA HIS A 131 14.70 4.65 -5.97
C HIS A 131 15.54 3.37 -5.77
N PRO A 132 16.74 3.47 -5.18
CA PRO A 132 17.45 2.21 -4.89
C PRO A 132 16.73 1.34 -3.84
N ILE A 133 16.12 1.99 -2.83
CA ILE A 133 15.48 1.24 -1.73
C ILE A 133 14.29 0.43 -2.26
N ILE A 134 13.52 1.02 -3.15
CA ILE A 134 12.37 0.29 -3.70
C ILE A 134 12.83 -0.75 -4.73
N SER A 135 13.88 -0.43 -5.46
CA SER A 135 14.52 -1.42 -6.30
C SER A 135 14.90 -2.64 -5.45
N ASP A 136 15.62 -2.41 -4.35
CA ASP A 136 16.02 -3.49 -3.43
C ASP A 136 14.80 -4.28 -2.93
N GLY A 137 13.80 -3.54 -2.47
CA GLY A 137 12.53 -4.12 -2.02
C GLY A 137 11.84 -5.01 -3.04
N THR A 138 12.01 -4.75 -4.32
CA THR A 138 11.36 -5.56 -5.36
C THR A 138 12.33 -6.55 -6.00
N HIS A 139 13.54 -6.62 -5.43
CA HIS A 139 14.60 -7.50 -5.89
C HIS A 139 15.09 -7.19 -7.29
N THR A 140 15.06 -5.91 -7.62
CA THR A 140 15.62 -5.40 -8.86
C THR A 140 17.04 -4.95 -8.56
N GLU A 141 18.00 -5.40 -9.37
CA GLU A 141 19.38 -4.96 -9.20
C GLU A 141 19.47 -3.44 -9.37
N TRP A 142 20.17 -2.78 -8.46
CA TRP A 142 20.45 -1.35 -8.56
C TRP A 142 21.82 -1.09 -9.20
N ILE A 143 21.86 -0.32 -10.27
CA ILE A 143 23.11 0.11 -10.92
C ILE A 143 23.21 1.64 -10.84
N GLU A 144 24.43 2.14 -10.62
CA GLU A 144 24.67 3.59 -10.54
C GLU A 144 25.59 4.11 -11.64
N ALA A 145 25.24 5.26 -12.20
CA ALA A 145 26.18 6.03 -13.03
C ALA A 145 26.24 7.44 -12.44
N SER A 146 27.33 8.16 -12.67
CA SER A 146 27.55 9.48 -12.03
C SER A 146 26.96 10.63 -12.80
N ARG A 147 26.29 11.52 -12.08
CA ARG A 147 25.97 12.86 -12.58
C ARG A 147 27.26 13.68 -12.74
N ALA A 148 27.15 14.88 -13.29
CA ALA A 148 28.32 15.69 -13.52
C ALA A 148 28.77 16.33 -12.20
N ASN A 149 29.90 17.00 -12.24
CA ASN A 149 30.39 17.72 -11.07
C ASN A 149 29.45 18.83 -10.63
N ASP A 150 28.66 19.37 -11.56
CA ASP A 150 27.68 20.39 -11.20
C ASP A 150 26.36 19.80 -10.68
N PHE A 151 26.34 18.48 -10.43
CA PHE A 151 25.18 17.71 -9.95
C PHE A 151 24.11 17.47 -10.99
N GLY A 152 24.25 18.09 -12.15
CA GLY A 152 23.31 17.88 -13.25
C GLY A 152 23.68 16.62 -13.97
N LEU A 153 22.83 16.18 -14.89
CA LEU A 153 23.06 14.94 -15.59
C LEU A 153 24.30 15.10 -16.46
N ASP A 154 25.19 14.09 -16.44
CA ASP A 154 26.21 13.95 -17.50
C ASP A 154 25.64 12.97 -18.49
N VAL A 155 25.15 13.49 -19.61
CA VAL A 155 24.27 12.71 -20.49
C VAL A 155 25.03 11.64 -21.29
N ASP A 156 26.28 11.93 -21.68
CA ASP A 156 27.11 10.94 -22.38
C ASP A 156 27.41 9.76 -21.48
N VAL A 157 27.76 10.04 -20.24
CA VAL A 157 28.03 8.98 -19.25
C VAL A 157 26.76 8.16 -18.96
N ALA A 158 25.65 8.86 -18.76
CA ALA A 158 24.37 8.23 -18.58
C ALA A 158 23.96 7.36 -19.80
N VAL A 159 24.05 7.90 -21.01
CA VAL A 159 23.73 7.12 -22.22
C VAL A 159 24.65 5.91 -22.40
N ALA A 160 25.93 6.09 -22.13
CA ALA A 160 26.89 4.99 -22.30
C ALA A 160 26.59 3.87 -21.32
N ALA A 161 26.20 4.21 -20.11
CA ALA A 161 25.82 3.21 -19.12
C ALA A 161 24.56 2.43 -19.53
N VAL A 162 23.55 3.12 -20.05
CA VAL A 162 22.32 2.44 -20.46
C VAL A 162 22.60 1.51 -21.63
N VAL A 163 23.42 1.95 -22.56
CA VAL A 163 23.79 1.12 -23.71
C VAL A 163 24.57 -0.13 -23.28
N ASP A 164 25.58 0.08 -22.42
CA ASP A 164 26.45 -1.00 -21.95
C ASP A 164 25.70 -2.01 -21.08
N ARG A 165 24.94 -1.53 -20.11
CA ARG A 165 24.34 -2.40 -19.09
C ARG A 165 22.94 -2.88 -19.43
N LYS A 166 22.24 -2.21 -20.36
CA LYS A 166 20.89 -2.60 -20.82
C LYS A 166 19.85 -2.76 -19.69
N PRO A 167 19.79 -1.76 -18.80
CA PRO A 167 18.92 -1.92 -17.65
C PRO A 167 17.48 -1.94 -18.09
N ASP A 168 16.68 -2.73 -17.39
CA ASP A 168 15.25 -2.83 -17.63
C ASP A 168 14.47 -1.58 -17.27
N VAL A 169 15.00 -0.82 -16.33
CA VAL A 169 14.31 0.37 -15.86
C VAL A 169 15.35 1.46 -15.69
N VAL A 170 15.09 2.60 -16.29
CA VAL A 170 15.97 3.75 -16.19
C VAL A 170 15.26 4.80 -15.34
N PHE A 171 15.82 5.10 -14.18
CA PHE A 171 15.23 6.11 -13.31
C PHE A 171 15.82 7.45 -13.65
N ILE A 172 14.96 8.48 -13.74
CA ILE A 172 15.35 9.87 -13.89
C ILE A 172 14.44 10.74 -13.04
N ALA A 173 15.00 11.49 -12.10
CA ALA A 173 14.20 12.40 -11.28
C ALA A 173 14.41 13.83 -11.77
N SER A 174 13.30 14.53 -12.02
CA SER A 174 13.32 15.80 -12.74
C SER A 174 12.09 16.61 -12.35
N PRO A 175 12.26 17.70 -11.56
CA PRO A 175 13.49 18.12 -10.91
C PRO A 175 14.08 17.01 -10.07
N ASN A 176 15.39 16.84 -10.17
CA ASN A 176 16.10 15.89 -9.34
C ASN A 176 16.01 16.27 -7.86
N ASN A 177 15.91 15.25 -7.02
CA ASN A 177 16.08 15.35 -5.59
C ASN A 177 17.35 14.55 -5.35
N PRO A 178 18.38 15.14 -4.71
CA PRO A 178 18.43 16.36 -3.91
C PRO A 178 19.00 17.65 -4.52
N SER A 179 19.42 17.66 -5.78
CA SER A 179 20.06 18.84 -6.37
C SER A 179 19.10 19.89 -6.92
N GLY A 180 17.85 19.48 -7.21
CA GLY A 180 16.80 20.40 -7.64
C GLY A 180 16.74 20.66 -9.15
N GLN A 181 17.72 20.13 -9.89
CA GLN A 181 17.87 20.46 -11.29
C GLN A 181 16.93 19.62 -12.12
N SER A 182 16.23 20.26 -13.05
CA SER A 182 15.47 19.54 -14.07
C SER A 182 16.44 19.02 -15.11
N VAL A 183 16.11 17.88 -15.70
CA VAL A 183 16.85 17.30 -16.80
C VAL A 183 16.26 17.92 -18.07
N SER A 184 17.12 18.43 -18.96
CA SER A 184 16.63 19.03 -20.20
C SER A 184 15.94 17.95 -21.03
N LEU A 185 14.98 18.37 -21.84
CA LEU A 185 14.22 17.42 -22.65
C LEU A 185 15.10 16.72 -23.70
N PRO A 186 16.13 17.42 -24.23
CA PRO A 186 17.04 16.76 -25.16
C PRO A 186 17.86 15.67 -24.51
N ASP A 187 18.31 15.91 -23.28
CA ASP A 187 19.01 14.85 -22.52
C ASP A 187 18.06 13.70 -22.28
N LEU A 188 16.81 14.05 -21.99
CA LEU A 188 15.80 13.05 -21.69
C LEU A 188 15.58 12.16 -22.91
N CYS A 189 15.43 12.80 -24.07
CA CYS A 189 15.20 12.07 -25.33
C CYS A 189 16.39 11.18 -25.70
N LYS A 190 17.60 11.63 -25.38
CA LYS A 190 18.79 10.81 -25.64
C LYS A 190 18.73 9.50 -24.87
N LEU A 191 18.36 9.59 -23.58
CA LEU A 191 18.18 8.41 -22.73
C LEU A 191 17.05 7.53 -23.19
N LEU A 192 15.92 8.15 -23.52
CA LEU A 192 14.77 7.42 -24.02
C LEU A 192 15.09 6.64 -25.28
N ASP A 193 15.85 7.25 -26.17
CA ASP A 193 16.28 6.57 -27.38
C ASP A 193 16.99 5.25 -27.13
N VAL A 194 17.83 5.21 -26.10
CA VAL A 194 18.64 4.01 -25.82
C VAL A 194 18.05 3.08 -24.77
N ALA A 195 17.18 3.57 -23.90
CA ALA A 195 16.58 2.69 -22.89
C ALA A 195 15.86 1.51 -23.58
N PRO A 196 16.22 0.26 -23.23
CA PRO A 196 15.63 -0.91 -23.88
C PRO A 196 14.30 -1.36 -23.26
N GLY A 197 14.03 -0.98 -22.01
CA GLY A 197 12.84 -1.44 -21.32
C GLY A 197 11.91 -0.26 -21.10
N ILE A 198 11.77 0.19 -19.85
CA ILE A 198 11.06 1.42 -19.60
C ILE A 198 11.99 2.44 -18.97
N ALA A 199 11.53 3.69 -19.00
CA ALA A 199 12.14 4.79 -18.28
C ALA A 199 11.06 5.38 -17.39
N ILE A 200 11.41 5.61 -16.13
CA ILE A 200 10.53 6.25 -15.19
C ILE A 200 11.08 7.65 -14.87
N VAL A 201 10.34 8.67 -15.28
CA VAL A 201 10.68 10.04 -14.97
C VAL A 201 9.83 10.45 -13.79
N ASP A 202 10.51 10.57 -12.66
CA ASP A 202 9.88 10.94 -11.41
C ASP A 202 9.77 12.45 -11.38
N GLU A 203 8.54 12.92 -11.55
CA GLU A 203 8.23 14.33 -11.62
C GLU A 203 7.52 14.76 -10.32
N ALA A 204 8.01 14.26 -9.19
CA ALA A 204 7.54 14.68 -7.88
C ALA A 204 7.48 16.20 -7.71
N TYR A 205 8.43 16.93 -8.31
CA TYR A 205 8.43 18.39 -8.23
C TYR A 205 7.96 19.12 -9.49
N GLY A 206 7.27 18.41 -10.38
CA GLY A 206 6.84 19.02 -11.64
C GLY A 206 6.10 20.35 -11.51
N GLU A 207 5.27 20.49 -10.48
CA GLU A 207 4.46 21.69 -10.30
C GLU A 207 5.30 22.93 -10.05
N PHE A 208 6.46 22.76 -9.41
CA PHE A 208 7.36 23.87 -9.09
C PHE A 208 8.27 24.29 -10.23
N SER A 209 8.31 23.49 -11.29
CA SER A 209 9.32 23.62 -12.33
C SER A 209 8.88 24.53 -13.45
N SER A 210 9.85 25.25 -13.99
CA SER A 210 9.58 26.19 -15.07
C SER A 210 9.62 25.58 -16.49
N GLN A 211 9.81 24.27 -16.62
CA GLN A 211 9.84 23.66 -17.97
C GLN A 211 8.72 22.64 -18.16
N PRO A 212 8.33 22.38 -19.43
CA PRO A 212 7.24 21.46 -19.73
C PRO A 212 7.36 20.10 -19.05
N SER A 213 6.20 19.54 -18.71
CA SER A 213 6.15 18.20 -18.18
C SER A 213 6.66 17.22 -19.20
N ALA A 214 7.29 16.16 -18.71
CA ALA A 214 7.70 15.03 -19.53
C ALA A 214 6.53 14.21 -20.06
N VAL A 215 5.30 14.50 -19.62
CA VAL A 215 4.10 13.85 -20.20
C VAL A 215 3.94 14.17 -21.68
N SER A 216 4.44 15.33 -22.09
CA SER A 216 4.50 15.69 -23.51
C SER A 216 5.22 14.64 -24.37
N LEU A 217 6.09 13.83 -23.76
CA LEU A 217 6.86 12.82 -24.51
C LEU A 217 6.24 11.42 -24.55
N VAL A 218 5.19 11.18 -23.76
CA VAL A 218 4.59 9.86 -23.72
C VAL A 218 4.10 9.44 -25.11
N GLU A 219 3.54 10.40 -25.84
CA GLU A 219 3.05 10.14 -27.19
C GLU A 219 4.21 9.73 -28.08
N GLU A 220 5.38 10.31 -27.82
CA GLU A 220 6.54 10.00 -28.62
C GLU A 220 7.18 8.69 -28.25
N TYR A 221 7.11 8.28 -26.98
CA TYR A 221 7.73 7.04 -26.52
C TYR A 221 6.76 6.14 -25.74
N PRO A 222 5.62 5.79 -26.33
CA PRO A 222 4.59 5.09 -25.55
C PRO A 222 5.00 3.70 -25.02
N SER A 223 5.98 3.04 -25.62
CA SER A 223 6.35 1.70 -25.14
C SER A 223 7.45 1.72 -24.06
N LYS A 224 7.89 2.91 -23.67
CA LYS A 224 9.02 3.07 -22.72
C LYS A 224 8.74 4.04 -21.58
N LEU A 225 8.10 5.16 -21.89
CA LEU A 225 7.99 6.25 -20.93
C LEU A 225 6.81 6.16 -20.00
N VAL A 226 7.13 6.22 -18.71
CA VAL A 226 6.17 6.38 -17.62
C VAL A 226 6.60 7.60 -16.81
N VAL A 227 5.68 8.55 -16.60
CA VAL A 227 5.92 9.71 -15.75
C VAL A 227 5.20 9.52 -14.42
N THR A 228 5.85 9.89 -13.30
CA THR A 228 5.24 9.80 -11.95
C THR A 228 5.13 11.20 -11.32
N ARG A 229 4.02 11.40 -10.62
CA ARG A 229 3.77 12.65 -9.90
C ARG A 229 3.24 12.29 -8.54
N THR A 230 3.24 13.27 -7.63
CA THR A 230 2.71 13.07 -6.29
C THR A 230 1.76 14.19 -5.85
N MET A 231 0.96 13.89 -4.85
CA MET A 231 0.14 14.95 -4.23
C MET A 231 0.79 15.37 -2.91
N SER A 232 2.00 14.88 -2.66
CA SER A 232 2.64 15.02 -1.36
C SER A 232 3.41 16.34 -1.18
N LYS A 233 3.69 17.04 -2.27
CA LYS A 233 4.61 18.17 -2.19
C LYS A 233 3.89 19.48 -2.46
N ALA A 234 3.69 19.86 -3.73
CA ALA A 234 2.97 21.09 -4.08
C ALA A 234 1.50 21.05 -3.65
N PHE A 235 0.91 19.87 -3.70
CA PHE A 235 -0.51 19.68 -3.41
C PHE A 235 -0.84 19.64 -1.90
N ALA A 236 0.20 19.67 -1.05
CA ALA A 236 0.00 19.74 0.40
C ALA A 236 -0.85 18.58 0.94
N PHE A 237 -0.63 17.39 0.41
CA PHE A 237 -1.46 16.22 0.68
C PHE A 237 -0.59 15.01 1.03
N ALA A 238 0.59 15.28 1.59
CA ALA A 238 1.49 14.22 2.02
C ALA A 238 0.83 13.30 3.05
N GLY A 239 0.02 13.88 3.93
CA GLY A 239 -0.73 13.12 4.92
C GLY A 239 -1.71 12.10 4.33
N GLY A 240 -2.18 12.34 3.11
CA GLY A 240 -3.20 11.48 2.49
C GLY A 240 -2.67 10.36 1.60
N ARG A 241 -1.36 10.42 1.30
CA ARG A 241 -0.63 9.35 0.60
C ARG A 241 -1.22 8.97 -0.75
N LEU A 242 -0.98 9.82 -1.73
CA LEU A 242 -1.52 9.62 -3.08
C LEU A 242 -0.48 10.03 -4.11
N GLY A 243 -0.04 9.05 -4.89
CA GLY A 243 0.81 9.32 -6.03
C GLY A 243 0.17 8.67 -7.21
N TYR A 244 0.61 9.08 -8.40
CA TYR A 244 0.03 8.53 -9.62
C TYR A 244 1.04 8.56 -10.75
N LEU A 245 0.72 7.84 -11.83
CA LEU A 245 1.56 7.76 -13.01
C LEU A 245 0.78 8.14 -14.25
N ILE A 246 1.51 8.56 -15.29
CA ILE A 246 0.93 8.90 -16.57
C ILE A 246 1.68 8.10 -17.62
N ALA A 247 0.93 7.37 -18.44
CA ALA A 247 1.55 6.53 -19.43
C ALA A 247 0.54 6.14 -20.50
N THR A 248 0.99 5.36 -21.47
CA THR A 248 0.08 4.80 -22.46
C THR A 248 -0.87 3.82 -21.75
N PRO A 249 -2.10 3.64 -22.27
CA PRO A 249 -3.04 2.79 -21.55
C PRO A 249 -2.57 1.36 -21.25
N ALA A 250 -1.70 0.79 -22.09
CA ALA A 250 -1.26 -0.59 -21.85
C ALA A 250 -0.52 -0.72 -20.52
N VAL A 251 0.13 0.36 -20.09
CA VAL A 251 0.80 0.38 -18.79
C VAL A 251 -0.18 0.25 -17.62
N ILE A 252 -1.35 0.89 -17.72
CA ILE A 252 -2.42 0.72 -16.73
C ILE A 252 -2.84 -0.74 -16.59
N ASP A 253 -3.01 -1.44 -17.72
CA ASP A 253 -3.30 -2.88 -17.72
C ASP A 253 -2.21 -3.67 -16.96
N ALA A 254 -0.96 -3.23 -17.12
CA ALA A 254 0.16 -3.89 -16.45
C ALA A 254 0.11 -3.67 -14.94
N MET A 255 -0.34 -2.48 -14.52
CA MET A 255 -0.48 -2.17 -13.10
C MET A 255 -1.56 -3.03 -12.46
N LEU A 256 -2.59 -3.36 -13.23
CA LEU A 256 -3.71 -4.19 -12.75
C LEU A 256 -3.26 -5.63 -12.43
N LEU A 257 -2.18 -6.06 -13.07
CA LEU A 257 -1.61 -7.36 -12.78
C LEU A 257 -0.77 -7.37 -11.50
N VAL A 258 -0.27 -6.23 -11.04
CA VAL A 258 0.61 -6.28 -9.86
C VAL A 258 0.03 -5.66 -8.61
N ARG A 259 -0.87 -4.70 -8.78
CA ARG A 259 -1.48 -4.03 -7.66
C ARG A 259 -2.25 -5.00 -6.76
N LEU A 260 -2.27 -4.70 -5.47
CA LEU A 260 -3.13 -5.43 -4.54
C LEU A 260 -4.56 -4.92 -4.76
N PRO A 261 -5.51 -5.83 -5.03
CA PRO A 261 -6.86 -5.34 -5.27
C PRO A 261 -7.40 -4.51 -4.11
N TYR A 262 -8.04 -3.40 -4.44
CA TYR A 262 -8.63 -2.48 -3.47
C TYR A 262 -7.55 -1.76 -2.61
N HIS A 263 -6.38 -1.54 -3.19
CA HIS A 263 -5.29 -0.84 -2.49
C HIS A 263 -5.66 0.58 -2.06
N LEU A 264 -6.52 1.22 -2.83
CA LEU A 264 -6.96 2.59 -2.57
C LEU A 264 -8.31 2.58 -1.85
N SER A 265 -8.33 3.11 -0.64
CA SER A 265 -9.52 3.09 0.20
C SER A 265 -10.56 4.12 -0.26
N SER A 266 -11.81 3.96 0.17
CA SER A 266 -12.84 4.93 -0.20
C SER A 266 -12.55 6.29 0.38
N VAL A 267 -11.99 6.29 1.59
CA VAL A 267 -11.66 7.51 2.28
C VAL A 267 -10.59 8.25 1.50
N THR A 268 -9.53 7.53 1.14
CA THR A 268 -8.40 8.11 0.41
C THR A 268 -8.82 8.64 -0.95
N GLN A 269 -9.56 7.84 -1.71
CA GLN A 269 -10.07 8.27 -2.99
C GLN A 269 -10.92 9.55 -2.87
N ALA A 270 -11.82 9.61 -1.88
CA ALA A 270 -12.67 10.79 -1.71
C ALA A 270 -11.89 12.03 -1.29
N ALA A 271 -10.92 11.87 -0.40
CA ALA A 271 -10.12 13.00 0.06
C ALA A 271 -9.24 13.58 -1.06
N ALA A 272 -8.61 12.72 -1.84
CA ALA A 272 -7.76 13.19 -2.94
C ALA A 272 -8.59 13.97 -3.95
N ARG A 273 -9.78 13.48 -4.28
CA ARG A 273 -10.68 14.19 -5.19
C ARG A 273 -11.00 15.59 -4.66
N ALA A 274 -11.18 15.71 -3.36
CA ALA A 274 -11.43 17.01 -2.76
C ALA A 274 -10.23 17.94 -2.93
N ALA A 275 -9.03 17.42 -2.68
CA ALA A 275 -7.79 18.17 -2.89
C ALA A 275 -7.63 18.69 -4.32
N LEU A 276 -7.98 17.86 -5.30
CA LEU A 276 -7.93 18.24 -6.70
C LEU A 276 -8.96 19.34 -7.06
N ARG A 277 -10.12 19.35 -6.40
CA ARG A 277 -11.10 20.41 -6.63
C ARG A 277 -10.64 21.78 -6.12
N HIS A 278 -9.58 21.82 -5.34
CA HIS A 278 -8.95 23.08 -4.96
C HIS A 278 -7.56 23.24 -5.52
N SER A 279 -7.31 22.68 -6.70
CA SER A 279 -5.96 22.66 -7.27
C SER A 279 -5.46 24.07 -7.49
N ASP A 280 -6.32 24.89 -8.08
CA ASP A 280 -5.95 26.28 -8.37
C ASP A 280 -5.60 27.06 -7.09
N ASP A 281 -6.38 26.85 -6.04
CA ASP A 281 -6.15 27.49 -4.75
C ASP A 281 -4.80 27.10 -4.17
N THR A 282 -4.51 25.80 -4.18
CA THR A 282 -3.30 25.26 -3.59
C THR A 282 -2.08 25.60 -4.43
N LEU A 283 -2.18 25.44 -5.74
CA LEU A 283 -1.07 25.75 -6.64
C LEU A 283 -0.82 27.24 -6.84
N SER A 284 -1.67 28.10 -6.28
CA SER A 284 -1.39 29.54 -6.25
C SER A 284 -0.15 29.80 -5.39
N SER A 285 -0.02 29.06 -4.28
CA SER A 285 1.18 29.07 -3.43
C SER A 285 2.49 28.98 -4.20
N VAL A 286 2.54 28.06 -5.17
CA VAL A 286 3.79 27.72 -5.87
C VAL A 286 4.58 28.97 -6.23
N ALA A 287 3.90 29.99 -6.72
CA ALA A 287 4.50 31.29 -7.05
C ALA A 287 5.32 31.85 -5.88
N ALA A 288 4.71 31.84 -4.72
CA ALA A 288 5.31 32.39 -3.50
C ALA A 288 6.46 31.53 -2.99
N LEU A 289 6.28 30.21 -3.03
CA LEU A 289 7.35 29.29 -2.64
C LEU A 289 8.56 29.44 -3.55
N ILE A 290 8.31 29.60 -4.84
CA ILE A 290 9.38 29.79 -5.79
C ILE A 290 10.10 31.08 -5.48
N ALA A 291 9.34 32.14 -5.25
CA ALA A 291 9.93 33.42 -4.85
C ALA A 291 10.82 33.28 -3.62
N GLU A 292 10.30 32.60 -2.60
CA GLU A 292 11.03 32.39 -1.37
C GLU A 292 12.30 31.57 -1.59
N ARG A 293 12.22 30.61 -2.51
CA ARG A 293 13.36 29.78 -2.82
C ARG A 293 14.45 30.59 -3.51
N GLU A 294 14.06 31.55 -4.34
CA GLU A 294 15.04 32.41 -5.00
C GLU A 294 15.63 33.43 -4.04
N ARG A 295 14.82 33.91 -3.10
CA ARG A 295 15.31 34.78 -2.04
C ARG A 295 16.35 34.05 -1.18
N VAL A 296 16.02 32.83 -0.74
CA VAL A 296 16.98 32.00 -0.01
C VAL A 296 18.27 31.81 -0.83
N THR A 297 18.12 31.41 -2.08
CA THR A 297 19.26 31.14 -2.91
C THR A 297 20.16 32.37 -3.06
N THR A 298 19.55 33.51 -3.35
CA THR A 298 20.29 34.77 -3.47
C THR A 298 21.02 35.14 -2.18
N SER A 299 20.37 34.92 -1.04
CA SER A 299 20.98 35.25 0.26
C SER A 299 22.14 34.32 0.62
N LEU A 300 21.97 33.02 0.37
CA LEU A 300 23.08 32.08 0.58
C LEU A 300 24.25 32.41 -0.36
N ASN A 301 23.96 32.58 -1.65
CA ASN A 301 24.99 33.00 -2.62
C ASN A 301 25.68 34.28 -2.14
N ASP A 302 24.87 35.28 -1.79
CA ASP A 302 25.37 36.53 -1.25
C ASP A 302 26.34 36.32 -0.08
N MET A 303 26.08 35.33 0.79
CA MET A 303 26.94 35.03 1.94
C MET A 303 28.19 34.20 1.66
N GLY A 304 28.33 33.69 0.43
CA GLY A 304 29.51 32.89 0.04
C GLY A 304 29.29 31.37 -0.05
N PHE A 305 28.05 30.93 0.06
CA PHE A 305 27.72 29.50 -0.07
C PHE A 305 27.66 29.17 -1.53
N ARG A 306 28.08 27.97 -1.89
CA ARG A 306 27.73 27.46 -3.21
C ARG A 306 26.32 26.90 -3.10
N VAL A 307 25.45 27.30 -4.03
CA VAL A 307 24.08 26.85 -4.07
C VAL A 307 23.81 26.27 -5.45
N ILE A 308 23.39 25.01 -5.52
CA ILE A 308 22.98 24.43 -6.81
C ILE A 308 21.66 25.10 -7.22
N PRO A 309 21.57 25.63 -8.45
CA PRO A 309 20.29 26.22 -8.87
C PRO A 309 19.19 25.16 -8.92
N SER A 310 18.03 25.45 -8.32
CA SER A 310 16.97 24.49 -8.15
C SER A 310 15.75 24.87 -9.00
N ASP A 311 15.04 23.87 -9.47
CA ASP A 311 13.78 24.05 -10.18
C ASP A 311 12.64 23.46 -9.31
N ALA A 312 12.95 23.15 -8.05
CA ALA A 312 12.00 22.54 -7.12
C ALA A 312 11.75 23.44 -5.90
N ASN A 313 11.40 22.85 -4.76
CA ASN A 313 11.04 23.62 -3.57
C ASN A 313 12.02 23.40 -2.42
N PHE A 314 13.28 23.26 -2.80
CA PHE A 314 14.35 23.09 -1.85
C PHE A 314 15.65 23.51 -2.54
N VAL A 315 16.74 23.45 -1.81
CA VAL A 315 18.02 23.94 -2.26
C VAL A 315 19.12 23.03 -1.72
N LEU A 316 20.06 22.63 -2.59
CA LEU A 316 21.23 21.89 -2.17
C LEU A 316 22.38 22.90 -2.09
N PHE A 317 23.05 22.95 -0.96
CA PHE A 317 24.03 24.02 -0.74
C PHE A 317 25.21 23.59 0.13
N GLY A 318 26.35 24.25 -0.08
CA GLY A 318 27.59 23.94 0.63
C GLY A 318 28.56 25.08 0.40
N GLU A 319 29.86 24.81 0.23
CA GLU A 319 30.45 23.49 0.47
C GLU A 319 31.05 23.49 1.86
N PHE A 320 30.46 22.73 2.76
CA PHE A 320 31.02 22.59 4.10
C PHE A 320 32.27 21.71 4.10
N ALA A 321 33.20 22.04 5.00
CA ALA A 321 34.37 21.20 5.25
C ALA A 321 33.95 19.86 5.84
N ASP A 322 32.82 19.85 6.56
CA ASP A 322 32.27 18.65 7.17
C ASP A 322 30.73 18.77 7.30
N ALA A 323 30.01 18.24 6.31
CA ALA A 323 28.55 18.46 6.18
C ALA A 323 27.73 17.92 7.34
N PRO A 324 28.07 16.72 7.85
CA PRO A 324 27.36 16.27 9.04
C PRO A 324 27.61 17.18 10.26
N ALA A 325 28.85 17.64 10.44
CA ALA A 325 29.14 18.57 11.55
C ALA A 325 28.30 19.83 11.41
N ALA A 326 28.20 20.32 10.19
CA ALA A 326 27.37 21.47 9.91
C ALA A 326 25.88 21.17 10.15
N TRP A 327 25.44 19.99 9.72
CA TRP A 327 24.05 19.59 9.94
C TRP A 327 23.73 19.56 11.43
N ARG A 328 24.68 19.10 12.23
CA ARG A 328 24.54 19.11 13.69
C ARG A 328 24.47 20.53 14.25
N ARG A 329 25.29 21.44 13.70
CA ARG A 329 25.25 22.82 14.14
C ARG A 329 23.90 23.48 13.84
N TYR A 330 23.37 23.26 12.64
CA TYR A 330 22.03 23.74 12.29
C TYR A 330 21.01 23.20 13.29
N LEU A 331 21.18 21.95 13.71
CA LEU A 331 20.29 21.37 14.70
C LEU A 331 20.37 22.14 16.02
N GLU A 332 21.59 22.36 16.51
CA GLU A 332 21.82 23.12 17.76
C GLU A 332 21.17 24.49 17.75
N ALA A 333 21.03 25.08 16.56
CA ALA A 333 20.32 26.35 16.37
C ALA A 333 18.80 26.19 16.23
N GLY A 334 18.30 24.96 16.24
CA GLY A 334 16.87 24.69 16.13
C GLY A 334 16.35 24.51 14.72
N ILE A 335 17.25 24.20 13.78
CA ILE A 335 16.87 24.06 12.38
C ILE A 335 17.09 22.63 11.91
N LEU A 336 16.01 21.96 11.51
CA LEU A 336 16.13 20.63 10.93
C LEU A 336 16.14 20.66 9.40
N ILE A 337 17.33 20.50 8.83
CA ILE A 337 17.48 20.27 7.38
C ILE A 337 18.02 18.84 7.15
N ARG A 338 18.23 18.47 5.89
CA ARG A 338 18.55 17.07 5.54
C ARG A 338 19.99 16.86 5.07
N ASP A 339 20.66 15.88 5.67
CA ASP A 339 21.93 15.35 5.17
C ASP A 339 21.56 14.18 4.26
N VAL A 340 21.72 14.35 2.96
CA VAL A 340 21.39 13.31 1.99
C VAL A 340 22.62 12.50 1.56
N GLY A 341 23.69 12.55 2.38
CA GLY A 341 24.88 11.76 2.12
C GLY A 341 25.79 12.29 1.03
N ILE A 342 25.69 13.57 0.72
CA ILE A 342 26.61 14.19 -0.23
C ILE A 342 27.72 14.90 0.56
N PRO A 343 28.98 14.52 0.33
CA PRO A 343 30.05 15.17 1.07
C PRO A 343 30.03 16.67 0.86
N GLY A 344 30.01 17.42 1.96
CA GLY A 344 30.14 18.87 1.88
C GLY A 344 28.86 19.61 1.56
N TYR A 345 27.72 18.91 1.43
CA TYR A 345 26.46 19.57 1.06
C TYR A 345 25.30 19.16 1.96
N LEU A 346 24.33 20.07 2.13
CA LEU A 346 23.08 19.73 2.81
C LEU A 346 21.88 20.22 1.99
N ARG A 347 20.69 19.72 2.29
CA ARG A 347 19.51 20.11 1.52
C ARG A 347 18.47 20.76 2.43
N ALA A 348 18.08 21.99 2.10
CA ALA A 348 17.16 22.76 2.92
C ALA A 348 15.87 23.03 2.17
N THR A 349 14.79 22.46 2.67
CA THR A 349 13.46 22.67 2.12
C THR A 349 13.07 24.16 2.26
N THR A 350 12.35 24.67 1.25
CA THR A 350 11.85 26.04 1.27
C THR A 350 10.57 26.09 2.09
N GLY A 351 10.59 26.89 3.14
CA GLY A 351 9.45 26.99 4.06
C GLY A 351 8.64 28.27 4.00
N LEU A 352 7.92 28.54 5.08
CA LEU A 352 7.32 29.86 5.30
C LEU A 352 8.45 30.89 5.40
N ALA A 353 8.12 32.15 5.16
CA ALA A 353 9.14 33.23 5.21
C ALA A 353 9.90 33.24 6.54
N GLU A 354 9.15 33.17 7.63
CA GLU A 354 9.71 33.20 8.98
C GLU A 354 10.71 32.07 9.19
N GLU A 355 10.42 30.91 8.60
CA GLU A 355 11.25 29.72 8.75
C GLU A 355 12.51 29.86 7.93
N ASN A 356 12.34 30.39 6.73
CA ASN A 356 13.47 30.67 5.85
C ASN A 356 14.38 31.74 6.49
N ASP A 357 13.78 32.80 7.04
CA ASP A 357 14.58 33.83 7.75
C ASP A 357 15.45 33.18 8.82
N ALA A 358 14.88 32.20 9.53
CA ALA A 358 15.58 31.49 10.59
C ALA A 358 16.71 30.58 10.07
N PHE A 359 16.45 29.91 8.95
CA PHE A 359 17.48 29.15 8.25
C PHE A 359 18.65 30.06 7.86
N LEU A 360 18.34 31.19 7.25
CA LEU A 360 19.38 32.15 6.84
C LEU A 360 20.18 32.71 8.03
N ARG A 361 19.49 33.12 9.09
CA ARG A 361 20.20 33.65 10.28
C ARG A 361 21.20 32.65 10.82
N ALA A 362 20.81 31.38 10.91
CA ALA A 362 21.73 30.33 11.36
C ALA A 362 22.87 30.11 10.35
N SER A 363 22.54 30.21 9.06
CA SER A 363 23.53 30.02 8.00
C SER A 363 24.62 31.09 8.04
N ALA A 364 24.24 32.30 8.42
CA ALA A 364 25.21 33.39 8.58
C ALA A 364 26.32 33.00 9.54
N ARG A 365 25.95 32.45 10.69
CA ARG A 365 26.93 31.96 11.66
C ARG A 365 27.63 30.71 11.14
N ILE A 366 26.87 29.81 10.54
CA ILE A 366 27.39 28.52 10.10
C ILE A 366 28.30 28.64 8.84
N ALA A 367 28.23 29.76 8.14
CA ALA A 367 29.12 30.01 7.00
C ALA A 367 30.61 29.90 7.32
N THR A 368 30.97 30.02 8.60
CA THR A 368 32.38 29.95 9.01
C THR A 368 32.98 28.54 8.89
N ASP A 369 32.14 27.53 8.71
CA ASP A 369 32.59 26.14 8.49
C ASP A 369 32.64 25.77 7.00
N LEU A 370 32.54 26.75 6.11
CA LEU A 370 32.74 26.49 4.69
C LEU A 370 34.20 26.17 4.43
N VAL A 371 34.43 25.31 3.45
CA VAL A 371 35.79 25.07 2.98
C VAL A 371 36.36 26.43 2.58
N PRO A 372 37.62 26.74 2.98
CA PRO A 372 38.20 28.04 2.60
C PRO A 372 38.47 28.08 1.10
N VAL A 373 38.54 29.27 0.50
CA VAL A 373 38.71 29.33 -0.95
C VAL A 373 40.19 29.26 -1.37
N THR A 374 40.47 28.30 -2.25
CA THR A 374 41.73 28.17 -2.98
C THR A 374 42.78 29.22 -2.62
N PRO B 8 -1.77 1.60 -31.84
CA PRO B 8 -1.40 1.77 -30.44
C PRO B 8 -0.62 0.59 -29.87
N VAL B 9 0.17 0.84 -28.83
CA VAL B 9 0.94 -0.23 -28.20
C VAL B 9 0.03 -1.03 -27.29
N THR B 10 0.24 -2.34 -27.25
CA THR B 10 -0.51 -3.22 -26.39
C THR B 10 0.38 -3.70 -25.26
N LEU B 11 -0.23 -4.39 -24.30
CA LEU B 11 0.50 -5.00 -23.21
C LEU B 11 1.63 -5.89 -23.76
N ASP B 12 1.40 -6.60 -24.87
CA ASP B 12 2.43 -7.44 -25.51
C ASP B 12 3.65 -6.67 -26.00
N ASP B 13 3.41 -5.43 -26.45
CA ASP B 13 4.51 -4.58 -26.91
C ASP B 13 5.31 -3.98 -25.74
N LEU B 14 4.77 -4.02 -24.51
CA LEU B 14 5.53 -3.57 -23.34
C LEU B 14 6.51 -4.64 -22.87
N PRO B 15 7.62 -4.22 -22.25
CA PRO B 15 8.63 -5.16 -21.74
C PRO B 15 8.28 -5.74 -20.35
N LEU B 16 7.04 -6.21 -20.22
CA LEU B 16 6.52 -6.82 -19.00
C LEU B 16 7.26 -8.10 -18.70
N ARG B 17 7.44 -8.44 -17.42
CA ARG B 17 8.13 -9.69 -17.05
C ARG B 17 7.50 -10.89 -17.76
N ALA B 18 8.33 -11.84 -18.19
CA ALA B 18 7.83 -13.07 -18.82
C ALA B 18 6.85 -13.80 -17.90
N ASP B 19 7.11 -13.79 -16.59
CA ASP B 19 6.25 -14.49 -15.65
C ASP B 19 4.98 -13.71 -15.27
N LEU B 20 4.77 -12.54 -15.86
CA LEU B 20 3.46 -11.90 -15.78
C LEU B 20 2.63 -12.11 -17.04
N ARG B 21 3.21 -12.72 -18.06
CA ARG B 21 2.47 -12.97 -19.30
C ARG B 21 1.42 -14.06 -19.08
N GLY B 22 0.26 -13.90 -19.70
CA GLY B 22 -0.79 -14.90 -19.58
C GLY B 22 -1.62 -14.77 -18.32
N LYS B 23 -1.29 -13.79 -17.48
CA LYS B 23 -2.01 -13.56 -16.24
C LYS B 23 -3.16 -12.59 -16.47
N ALA B 24 -4.21 -12.71 -15.68
CA ALA B 24 -5.35 -11.81 -15.73
C ALA B 24 -5.43 -11.07 -14.40
N PRO B 25 -5.92 -9.80 -14.41
CA PRO B 25 -6.02 -9.06 -13.14
C PRO B 25 -7.03 -9.70 -12.19
N TYR B 26 -6.73 -9.68 -10.89
CA TYR B 26 -7.68 -10.19 -9.89
C TYR B 26 -8.86 -9.24 -9.68
N GLY B 27 -10.06 -9.80 -9.70
CA GLY B 27 -11.26 -9.08 -9.31
C GLY B 27 -12.47 -9.43 -10.17
N ALA B 28 -13.59 -9.73 -9.52
CA ALA B 28 -14.87 -9.89 -10.22
C ALA B 28 -15.37 -8.51 -10.67
N PRO B 29 -15.80 -8.38 -11.95
CA PRO B 29 -16.43 -7.12 -12.37
C PRO B 29 -17.60 -6.76 -11.47
N GLN B 30 -17.71 -5.48 -11.11
CA GLN B 30 -18.62 -5.01 -10.08
C GLN B 30 -20.03 -4.72 -10.66
N LEU B 31 -20.83 -5.79 -10.80
CA LEU B 31 -22.12 -5.77 -11.52
C LEU B 31 -23.31 -5.17 -10.76
N ALA B 32 -24.30 -4.73 -11.52
CA ALA B 32 -25.56 -4.21 -10.98
C ALA B 32 -26.55 -5.35 -10.72
N VAL B 33 -26.77 -5.66 -9.44
CA VAL B 33 -27.75 -6.66 -9.02
C VAL B 33 -28.46 -6.22 -7.73
N PRO B 34 -29.73 -6.64 -7.55
CA PRO B 34 -30.45 -6.23 -6.32
C PRO B 34 -29.93 -6.87 -5.01
N VAL B 35 -29.55 -8.15 -5.02
CA VAL B 35 -29.03 -8.85 -3.82
C VAL B 35 -27.58 -9.36 -4.02
N ARG B 36 -26.65 -8.73 -3.31
CA ARG B 36 -25.21 -9.04 -3.40
C ARG B 36 -24.74 -9.78 -2.15
N LEU B 37 -24.46 -11.08 -2.32
CA LEU B 37 -24.04 -11.96 -1.22
C LEU B 37 -22.79 -12.74 -1.64
N ASN B 38 -21.87 -12.05 -2.32
CA ASN B 38 -20.70 -12.68 -2.91
C ASN B 38 -19.38 -12.26 -2.29
N THR B 39 -19.41 -11.22 -1.48
CA THR B 39 -18.21 -10.86 -0.72
C THR B 39 -18.64 -10.71 0.73
N ASN B 40 -17.78 -11.16 1.63
CA ASN B 40 -18.18 -11.45 2.99
C ASN B 40 -18.16 -10.20 3.87
N GLU B 41 -18.70 -9.11 3.33
CA GLU B 41 -18.82 -7.85 4.04
C GLU B 41 -19.90 -7.97 5.11
N ASN B 42 -19.81 -7.15 6.16
CA ASN B 42 -20.89 -7.01 7.12
C ASN B 42 -22.01 -6.22 6.39
N PRO B 43 -23.27 -6.69 6.45
CA PRO B 43 -24.29 -6.02 5.64
C PRO B 43 -24.88 -4.77 6.30
N HIS B 44 -24.51 -4.51 7.54
CA HIS B 44 -25.04 -3.38 8.29
C HIS B 44 -24.17 -2.15 8.07
N PRO B 45 -24.75 -1.09 7.47
CA PRO B 45 -23.96 0.14 7.30
C PRO B 45 -23.62 0.77 8.65
N PRO B 46 -22.61 1.65 8.69
CA PRO B 46 -22.28 2.34 9.93
C PRO B 46 -23.39 3.23 10.45
N THR B 47 -23.46 3.40 11.77
CA THR B 47 -24.42 4.33 12.36
C THR B 47 -23.96 5.75 12.16
N ARG B 48 -24.88 6.68 12.32
CA ARG B 48 -24.54 8.09 12.39
C ARG B 48 -23.50 8.41 13.47
N ALA B 49 -23.51 7.68 14.58
CA ALA B 49 -22.52 7.91 15.65
C ALA B 49 -21.10 7.54 15.17
N LEU B 50 -20.97 6.41 14.50
CA LEU B 50 -19.68 6.00 13.92
C LEU B 50 -19.26 7.00 12.83
N VAL B 51 -20.14 7.29 11.87
CA VAL B 51 -19.81 8.19 10.77
C VAL B 51 -19.36 9.56 11.30
N ASP B 52 -20.08 10.08 12.28
CA ASP B 52 -19.74 11.40 12.85
C ASP B 52 -18.36 11.37 13.47
N ASP B 53 -18.02 10.28 14.15
CA ASP B 53 -16.71 10.15 14.77
C ASP B 53 -15.60 10.08 13.70
N VAL B 54 -15.82 9.27 12.67
CA VAL B 54 -14.88 9.17 11.57
C VAL B 54 -14.65 10.52 10.90
N VAL B 55 -15.73 11.23 10.59
CA VAL B 55 -15.67 12.51 9.92
C VAL B 55 -14.95 13.55 10.77
N ARG B 56 -15.39 13.70 12.01
CA ARG B 56 -14.79 14.60 12.98
C ARG B 56 -13.28 14.29 13.15
N SER B 57 -12.92 13.01 13.17
CA SER B 57 -11.52 12.61 13.37
C SER B 57 -10.67 12.89 12.13
N VAL B 58 -11.29 12.74 10.95
CA VAL B 58 -10.65 13.03 9.69
C VAL B 58 -10.48 14.54 9.50
N ARG B 59 -11.46 15.33 9.92
CA ARG B 59 -11.35 16.80 9.88
C ARG B 59 -10.12 17.28 10.66
N GLU B 60 -9.99 16.78 11.88
CA GLU B 60 -8.84 17.04 12.72
C GLU B 60 -7.55 16.65 12.00
N ALA B 61 -7.53 15.47 11.38
CA ALA B 61 -6.35 15.05 10.61
C ALA B 61 -6.15 15.91 9.37
N ALA B 62 -7.25 16.37 8.75
CA ALA B 62 -7.19 17.15 7.50
C ALA B 62 -6.49 18.49 7.65
N ILE B 63 -6.55 19.05 8.85
CA ILE B 63 -5.93 20.32 9.17
C ILE B 63 -4.43 20.32 8.85
N ASP B 64 -3.79 19.15 8.94
CA ASP B 64 -2.35 19.00 8.71
C ASP B 64 -1.97 18.03 7.58
N LEU B 65 -2.81 17.93 6.56
CA LEU B 65 -2.54 17.05 5.41
C LEU B 65 -1.24 17.38 4.65
N HIS B 66 -0.81 18.63 4.76
CA HIS B 66 0.50 19.04 4.24
C HIS B 66 1.67 18.25 4.85
N ARG B 67 1.51 17.73 6.07
CA ARG B 67 2.57 16.94 6.72
C ARG B 67 2.40 15.45 6.48
N TYR B 68 3.54 14.75 6.41
CA TYR B 68 3.57 13.30 6.34
C TYR B 68 3.00 12.73 7.65
N PRO B 69 2.35 11.55 7.57
CA PRO B 69 1.69 10.96 8.74
C PRO B 69 2.68 10.36 9.72
N ASP B 70 2.16 9.86 10.86
CA ASP B 70 2.97 9.05 11.76
C ASP B 70 3.42 7.82 10.99
N ARG B 71 4.74 7.68 10.85
CA ARG B 71 5.35 6.59 10.12
C ARG B 71 4.98 5.25 10.72
N ASP B 72 5.05 5.15 12.03
CA ASP B 72 4.85 3.88 12.73
C ASP B 72 3.42 3.66 13.23
N ALA B 73 2.51 4.58 12.90
CA ALA B 73 1.10 4.44 13.26
C ALA B 73 0.93 3.95 14.70
N VAL B 74 1.57 4.63 15.64
CA VAL B 74 1.67 4.11 17.01
C VAL B 74 0.31 4.06 17.74
N ALA B 75 -0.45 5.16 17.70
CA ALA B 75 -1.69 5.20 18.47
C ALA B 75 -2.70 4.18 17.92
N LEU B 76 -2.76 4.03 16.60
CA LEU B 76 -3.61 3.01 15.97
C LEU B 76 -3.26 1.61 16.46
N ARG B 77 -1.97 1.25 16.45
CA ARG B 77 -1.55 -0.09 16.84
C ARG B 77 -1.87 -0.40 18.31
N ALA B 78 -1.67 0.60 19.18
CA ALA B 78 -2.03 0.47 20.58
C ALA B 78 -3.54 0.30 20.75
N ASP B 79 -4.34 1.02 19.98
CA ASP B 79 -5.82 0.85 20.05
C ASP B 79 -6.20 -0.54 19.56
N LEU B 80 -5.51 -1.01 18.53
CA LEU B 80 -5.74 -2.35 18.00
C LEU B 80 -5.41 -3.36 19.08
N ALA B 81 -4.31 -3.13 19.80
CA ALA B 81 -3.92 -4.03 20.90
C ALA B 81 -4.92 -4.00 22.07
N GLY B 82 -5.48 -2.82 22.35
CA GLY B 82 -6.53 -2.67 23.38
C GLY B 82 -7.77 -3.49 23.01
N TYR B 83 -8.25 -3.29 21.79
CA TYR B 83 -9.39 -4.06 21.28
C TYR B 83 -9.17 -5.56 21.44
N LEU B 84 -8.12 -6.06 20.83
CA LEU B 84 -7.94 -7.51 20.78
C LEU B 84 -7.65 -8.12 22.17
N THR B 85 -7.05 -7.34 23.06
CA THR B 85 -6.86 -7.73 24.45
C THR B 85 -8.19 -7.95 25.15
N ALA B 86 -9.07 -6.96 25.05
CA ALA B 86 -10.41 -7.07 25.62
C ALA B 86 -11.20 -8.16 24.91
N GLN B 87 -10.98 -8.34 23.62
CA GLN B 87 -11.69 -9.37 22.84
C GLN B 87 -11.30 -10.82 23.20
N THR B 88 -10.01 -11.07 23.40
CA THR B 88 -9.48 -12.43 23.55
C THR B 88 -9.03 -12.76 24.98
N GLY B 89 -8.80 -11.74 25.79
CA GLY B 89 -8.28 -11.94 27.13
C GLY B 89 -6.79 -12.16 27.16
N ILE B 90 -6.14 -12.07 26.00
CA ILE B 90 -4.71 -12.30 25.90
C ILE B 90 -4.05 -10.93 25.87
N GLN B 91 -3.15 -10.69 26.82
CA GLN B 91 -2.55 -9.38 26.98
C GLN B 91 -1.61 -9.04 25.83
N LEU B 92 -2.00 -8.04 25.04
CA LEU B 92 -1.25 -7.59 23.89
C LEU B 92 -0.97 -6.09 24.02
N GLY B 93 0.20 -5.67 23.57
CA GLY B 93 0.59 -4.26 23.53
C GLY B 93 0.88 -3.81 22.11
N VAL B 94 1.18 -2.52 21.98
CA VAL B 94 1.49 -1.94 20.67
C VAL B 94 2.70 -2.66 20.04
N GLU B 95 3.69 -2.90 20.88
CA GLU B 95 4.76 -3.91 20.71
C GLU B 95 4.41 -5.13 19.81
N ASN B 96 3.21 -5.68 19.95
CA ASN B 96 2.81 -6.91 19.21
C ASN B 96 2.02 -6.71 17.93
N ILE B 97 1.73 -5.46 17.58
CA ILE B 97 0.84 -5.17 16.47
C ILE B 97 1.52 -4.40 15.36
N TRP B 98 1.22 -4.81 14.13
CA TRP B 98 1.58 -4.04 12.94
C TRP B 98 0.35 -3.93 12.06
N ALA B 99 0.13 -2.75 11.51
CA ALA B 99 -1.06 -2.49 10.67
C ALA B 99 -0.66 -2.04 9.27
N ALA B 100 -1.49 -2.37 8.28
CA ALA B 100 -1.28 -1.87 6.91
C ALA B 100 -2.61 -1.66 6.17
N ASN B 101 -2.53 -1.33 4.89
CA ASN B 101 -3.71 -1.13 4.07
C ASN B 101 -4.36 -2.45 3.67
N GLY B 102 -5.13 -3.01 4.60
CA GLY B 102 -5.79 -4.30 4.42
C GLY B 102 -4.85 -5.45 4.72
N SER B 103 -5.44 -6.62 5.00
CA SER B 103 -4.68 -7.85 5.18
C SER B 103 -3.82 -8.10 3.98
N ASN B 104 -4.31 -7.72 2.80
CA ASN B 104 -3.53 -7.82 1.58
C ASN B 104 -2.12 -7.29 1.75
N GLU B 105 -2.00 -6.06 2.23
CA GLU B 105 -0.68 -5.45 2.40
C GLU B 105 0.07 -6.09 3.55
N ILE B 106 -0.67 -6.56 4.55
CA ILE B 106 -0.09 -7.30 5.66
C ILE B 106 0.58 -8.53 5.11
N LEU B 107 -0.16 -9.27 4.28
CA LEU B 107 0.34 -10.52 3.75
C LEU B 107 1.54 -10.30 2.83
N GLN B 108 1.43 -9.32 1.94
CA GLN B 108 2.54 -8.90 1.11
C GLN B 108 3.78 -8.60 1.93
N GLN B 109 3.65 -7.82 3.01
CA GLN B 109 4.80 -7.49 3.86
C GLN B 109 5.43 -8.73 4.52
N LEU B 110 4.58 -9.62 5.02
CA LEU B 110 5.09 -10.85 5.61
C LEU B 110 5.85 -11.68 4.61
N LEU B 111 5.30 -11.81 3.41
CA LEU B 111 5.99 -12.56 2.38
C LEU B 111 7.31 -11.85 2.00
N GLN B 112 7.30 -10.53 1.90
CA GLN B 112 8.53 -9.82 1.59
C GLN B 112 9.62 -10.14 2.60
N ALA B 113 9.27 -10.17 3.88
CA ALA B 113 10.27 -10.36 4.93
C ALA B 113 10.67 -11.81 5.09
N PHE B 114 9.70 -12.71 4.92
CA PHE B 114 9.87 -14.09 5.29
C PHE B 114 9.70 -15.08 4.15
N GLY B 115 9.22 -14.59 3.00
CA GLY B 115 9.10 -15.39 1.77
C GLY B 115 10.03 -14.86 0.68
N GLY B 116 9.49 -14.68 -0.53
CA GLY B 116 10.25 -14.12 -1.65
C GLY B 116 11.09 -15.08 -2.47
N PRO B 117 11.84 -14.53 -3.44
CA PRO B 117 12.67 -15.33 -4.33
C PRO B 117 13.52 -16.33 -3.57
N GLY B 118 13.51 -17.58 -4.02
CA GLY B 118 14.30 -18.66 -3.41
C GLY B 118 13.58 -19.38 -2.30
N ARG B 119 12.42 -18.87 -1.90
CA ARG B 119 11.69 -19.41 -0.76
C ARG B 119 10.29 -19.82 -1.20
N SER B 120 9.56 -20.47 -0.30
CA SER B 120 8.27 -21.05 -0.66
C SER B 120 7.22 -20.92 0.42
N ALA B 121 5.97 -21.03 -0.01
CA ALA B 121 4.82 -20.97 0.85
C ALA B 121 3.89 -22.14 0.51
N ILE B 122 3.22 -22.66 1.53
CA ILE B 122 2.26 -23.72 1.35
C ILE B 122 0.84 -23.34 1.82
N GLY B 123 -0.13 -23.85 1.08
CA GLY B 123 -1.53 -23.67 1.37
C GLY B 123 -2.24 -25.02 1.28
N PHE B 124 -3.32 -25.13 2.04
CA PHE B 124 -4.08 -26.36 2.10
C PHE B 124 -5.47 -26.09 1.53
N VAL B 125 -5.76 -26.77 0.42
CA VAL B 125 -6.77 -26.32 -0.53
C VAL B 125 -7.99 -27.25 -0.61
N PRO B 126 -9.17 -26.68 -0.94
CA PRO B 126 -9.38 -25.27 -1.29
C PRO B 126 -9.34 -24.32 -0.09
N SER B 127 -8.71 -23.16 -0.27
CA SER B 127 -8.65 -22.10 0.75
C SER B 127 -8.63 -20.75 0.04
N TYR B 128 -8.12 -19.72 0.73
CA TYR B 128 -8.29 -18.34 0.31
C TYR B 128 -7.49 -18.00 -0.93
N SER B 129 -8.18 -17.38 -1.88
CA SER B 129 -7.63 -17.10 -3.20
C SER B 129 -6.42 -16.17 -3.18
N MET B 130 -6.37 -15.24 -2.23
CA MET B 130 -5.30 -14.25 -2.22
C MET B 130 -3.97 -14.76 -1.70
N HIS B 131 -3.98 -15.86 -0.93
CA HIS B 131 -2.70 -16.43 -0.50
C HIS B 131 -1.77 -16.81 -1.67
N PRO B 132 -2.26 -17.58 -2.66
CA PRO B 132 -1.39 -17.81 -3.83
C PRO B 132 -1.06 -16.54 -4.62
N ILE B 133 -2.03 -15.63 -4.75
CA ILE B 133 -1.79 -14.42 -5.52
C ILE B 133 -0.72 -13.49 -4.93
N ILE B 134 -0.73 -13.30 -3.61
CA ILE B 134 0.27 -12.46 -2.97
C ILE B 134 1.62 -13.21 -2.87
N SER B 135 1.61 -14.54 -2.82
CA SER B 135 2.85 -15.32 -2.92
C SER B 135 3.50 -15.07 -4.29
N ASP B 136 2.75 -15.35 -5.36
CA ASP B 136 3.13 -15.02 -6.74
C ASP B 136 3.68 -13.60 -6.83
N GLY B 137 2.89 -12.64 -6.36
CA GLY B 137 3.25 -11.22 -6.42
C GLY B 137 4.54 -10.85 -5.70
N THR B 138 4.94 -11.64 -4.70
CA THR B 138 6.18 -11.43 -3.98
C THR B 138 7.27 -12.40 -4.46
N HIS B 139 6.98 -13.17 -5.51
CA HIS B 139 7.87 -14.21 -6.00
C HIS B 139 8.20 -15.26 -4.95
N THR B 140 7.20 -15.62 -4.15
CA THR B 140 7.31 -16.78 -3.29
C THR B 140 6.71 -17.97 -4.08
N GLU B 141 7.48 -19.04 -4.24
CA GLU B 141 6.93 -20.27 -4.84
C GLU B 141 5.71 -20.74 -4.06
N TRP B 142 4.70 -21.22 -4.77
CA TRP B 142 3.44 -21.64 -4.15
C TRP B 142 3.28 -23.15 -4.18
N ILE B 143 3.05 -23.75 -3.02
CA ILE B 143 2.87 -25.20 -2.89
C ILE B 143 1.51 -25.51 -2.32
N GLU B 144 0.84 -26.54 -2.86
CA GLU B 144 -0.48 -26.96 -2.39
C GLU B 144 -0.51 -28.39 -1.85
N ALA B 145 -1.24 -28.59 -0.74
CA ALA B 145 -1.61 -29.93 -0.29
C ALA B 145 -3.13 -29.94 -0.07
N SER B 146 -3.77 -31.08 -0.25
CA SER B 146 -5.24 -31.14 -0.18
C SER B 146 -5.81 -31.22 1.22
N ARG B 147 -6.90 -30.49 1.43
CA ARG B 147 -7.76 -30.69 2.59
C ARG B 147 -8.47 -32.02 2.44
N ALA B 148 -9.12 -32.44 3.52
CA ALA B 148 -9.96 -33.65 3.51
C ALA B 148 -11.18 -33.47 2.60
N ASN B 149 -11.83 -34.59 2.32
CA ASN B 149 -13.07 -34.58 1.54
C ASN B 149 -14.20 -33.76 2.19
N ASP B 150 -14.23 -33.66 3.52
CA ASP B 150 -15.22 -32.81 4.19
C ASP B 150 -14.88 -31.30 4.13
N PHE B 151 -13.88 -30.96 3.32
CA PHE B 151 -13.33 -29.60 3.16
C PHE B 151 -12.52 -29.09 4.36
N GLY B 152 -12.48 -29.86 5.45
CA GLY B 152 -11.68 -29.52 6.63
C GLY B 152 -10.23 -29.91 6.42
N LEU B 153 -9.37 -29.51 7.34
CA LEU B 153 -7.96 -29.85 7.24
C LEU B 153 -7.77 -31.35 7.34
N ASP B 154 -6.88 -31.91 6.51
CA ASP B 154 -6.38 -33.27 6.71
C ASP B 154 -4.99 -33.09 7.31
N VAL B 155 -4.89 -33.20 8.63
CA VAL B 155 -3.69 -32.77 9.33
C VAL B 155 -2.47 -33.64 9.00
N ASP B 156 -2.67 -34.94 8.83
CA ASP B 156 -1.57 -35.84 8.47
C ASP B 156 -0.97 -35.50 7.12
N VAL B 157 -1.82 -35.16 6.17
CA VAL B 157 -1.35 -34.77 4.84
C VAL B 157 -0.63 -33.43 4.91
N ALA B 158 -1.24 -32.48 5.62
CA ALA B 158 -0.67 -31.14 5.81
C ALA B 158 0.70 -31.24 6.47
N VAL B 159 0.76 -31.94 7.60
CA VAL B 159 2.01 -32.09 8.35
C VAL B 159 3.08 -32.76 7.50
N ALA B 160 2.71 -33.82 6.79
CA ALA B 160 3.65 -34.52 5.91
C ALA B 160 4.16 -33.65 4.76
N ALA B 161 3.28 -32.83 4.17
CA ALA B 161 3.74 -31.95 3.11
C ALA B 161 4.70 -30.86 3.65
N VAL B 162 4.46 -30.36 4.86
CA VAL B 162 5.37 -29.38 5.49
C VAL B 162 6.73 -29.99 5.83
N VAL B 163 6.72 -31.24 6.30
CA VAL B 163 7.97 -31.90 6.69
C VAL B 163 8.79 -32.13 5.43
N ASP B 164 8.11 -32.68 4.42
CA ASP B 164 8.72 -32.94 3.13
C ASP B 164 9.24 -31.70 2.38
N ARG B 165 8.42 -30.68 2.20
CA ARG B 165 8.81 -29.54 1.37
C ARG B 165 9.55 -28.42 2.15
N LYS B 166 9.52 -28.48 3.47
CA LYS B 166 10.09 -27.40 4.31
C LYS B 166 9.72 -26.00 3.79
N PRO B 167 8.41 -25.72 3.63
CA PRO B 167 8.03 -24.39 3.20
C PRO B 167 8.45 -23.33 4.20
N ASP B 168 8.92 -22.19 3.70
CA ASP B 168 9.28 -21.04 4.53
C ASP B 168 8.06 -20.37 5.15
N VAL B 169 6.90 -20.49 4.49
CA VAL B 169 5.66 -19.94 5.03
C VAL B 169 4.53 -20.95 4.95
N VAL B 170 3.87 -21.20 6.08
CA VAL B 170 2.68 -22.04 6.13
C VAL B 170 1.42 -21.20 6.30
N PHE B 171 0.56 -21.20 5.29
CA PHE B 171 -0.71 -20.49 5.38
C PHE B 171 -1.78 -21.37 5.98
N ILE B 172 -2.47 -20.83 6.98
CA ILE B 172 -3.67 -21.45 7.52
C ILE B 172 -4.77 -20.41 7.62
N ALA B 173 -5.87 -20.65 6.90
CA ALA B 173 -7.06 -19.79 7.03
C ALA B 173 -8.02 -20.38 8.06
N SER B 174 -8.28 -19.63 9.13
CA SER B 174 -9.10 -20.10 10.26
C SER B 174 -9.92 -18.99 10.93
N PRO B 175 -11.24 -18.98 10.72
CA PRO B 175 -12.06 -19.86 9.87
C PRO B 175 -11.60 -19.84 8.43
N ASN B 176 -11.68 -20.98 7.77
CA ASN B 176 -11.33 -21.08 6.38
C ASN B 176 -12.26 -20.28 5.48
N ASN B 177 -11.68 -19.66 4.46
CA ASN B 177 -12.39 -19.20 3.29
C ASN B 177 -11.92 -20.08 2.13
N PRO B 178 -12.83 -20.81 1.44
CA PRO B 178 -14.30 -20.71 1.37
C PRO B 178 -15.18 -21.66 2.19
N SER B 179 -14.61 -22.58 2.96
CA SER B 179 -15.42 -23.60 3.66
C SER B 179 -16.06 -23.13 4.96
N GLY B 180 -15.50 -22.10 5.59
CA GLY B 180 -15.98 -21.60 6.88
C GLY B 180 -15.50 -22.36 8.11
N GLN B 181 -14.69 -23.39 7.90
CA GLN B 181 -14.28 -24.30 8.97
C GLN B 181 -13.06 -23.77 9.73
N SER B 182 -13.18 -23.68 11.05
CA SER B 182 -12.03 -23.34 11.89
C SER B 182 -11.12 -24.55 12.01
N VAL B 183 -9.81 -24.31 12.02
CA VAL B 183 -8.84 -25.37 12.25
C VAL B 183 -8.67 -25.58 13.74
N SER B 184 -8.78 -26.83 14.20
CA SER B 184 -8.70 -27.13 15.62
C SER B 184 -7.33 -26.72 16.20
N LEU B 185 -7.30 -26.39 17.49
CA LEU B 185 -6.05 -25.98 18.13
C LEU B 185 -5.00 -27.11 18.03
N PRO B 186 -5.43 -28.37 18.21
CA PRO B 186 -4.49 -29.48 18.08
C PRO B 186 -3.89 -29.65 16.68
N ASP B 187 -4.72 -29.50 15.64
CA ASP B 187 -4.22 -29.50 14.27
C ASP B 187 -3.24 -28.35 14.05
N LEU B 188 -3.60 -27.18 14.54
CA LEU B 188 -2.75 -26.00 14.48
C LEU B 188 -1.39 -26.25 15.15
N CYS B 189 -1.40 -26.90 16.30
CA CYS B 189 -0.15 -27.14 17.03
C CYS B 189 0.77 -28.12 16.32
N LYS B 190 0.20 -29.13 15.65
CA LYS B 190 0.97 -30.09 14.84
C LYS B 190 1.71 -29.44 13.68
N LEU B 191 1.07 -28.50 13.01
CA LEU B 191 1.69 -27.78 11.90
C LEU B 191 2.74 -26.79 12.42
N LEU B 192 2.46 -26.12 13.54
CA LEU B 192 3.45 -25.20 14.10
C LEU B 192 4.71 -25.92 14.53
N ASP B 193 4.54 -27.14 15.04
CA ASP B 193 5.67 -27.94 15.51
C ASP B 193 6.64 -28.27 14.37
N VAL B 194 6.12 -28.65 13.21
CA VAL B 194 6.95 -29.02 12.05
C VAL B 194 7.37 -27.85 11.14
N ALA B 195 6.67 -26.71 11.22
CA ALA B 195 6.98 -25.56 10.37
C ALA B 195 8.40 -25.04 10.60
N PRO B 196 9.21 -24.96 9.53
CA PRO B 196 10.60 -24.53 9.71
C PRO B 196 10.78 -23.02 9.78
N GLY B 197 9.93 -22.28 9.09
CA GLY B 197 10.05 -20.83 9.05
C GLY B 197 8.97 -20.17 9.88
N ILE B 198 7.95 -19.64 9.21
CA ILE B 198 6.82 -19.04 9.90
C ILE B 198 5.52 -19.68 9.43
N ALA B 199 4.52 -19.56 10.29
CA ALA B 199 3.16 -19.94 9.95
C ALA B 199 2.29 -18.71 10.11
N ILE B 200 1.48 -18.45 9.09
CA ILE B 200 0.54 -17.33 9.12
C ILE B 200 -0.84 -17.86 9.27
N VAL B 201 -1.46 -17.56 10.41
CA VAL B 201 -2.86 -17.94 10.65
C VAL B 201 -3.71 -16.72 10.32
N ASP B 202 -4.41 -16.82 9.21
CA ASP B 202 -5.24 -15.77 8.70
C ASP B 202 -6.58 -15.80 9.39
N GLU B 203 -6.76 -14.91 10.36
CA GLU B 203 -7.93 -14.97 11.21
C GLU B 203 -8.93 -13.88 10.84
N ALA B 204 -9.09 -13.64 9.55
CA ALA B 204 -10.04 -12.67 9.01
C ALA B 204 -11.46 -12.77 9.59
N TYR B 205 -11.96 -14.00 9.78
CA TYR B 205 -13.30 -14.25 10.36
C TYR B 205 -13.29 -14.55 11.86
N GLY B 206 -12.27 -14.09 12.59
CA GLY B 206 -12.12 -14.42 13.99
C GLY B 206 -13.26 -13.91 14.88
N GLU B 207 -13.76 -12.73 14.57
CA GLU B 207 -14.88 -12.17 15.32
C GLU B 207 -16.13 -13.06 15.24
N PHE B 208 -16.29 -13.81 14.15
CA PHE B 208 -17.45 -14.70 14.03
C PHE B 208 -17.29 -16.04 14.73
N SER B 209 -16.06 -16.41 15.06
CA SER B 209 -15.74 -17.78 15.43
C SER B 209 -16.08 -18.11 16.87
N SER B 210 -16.64 -19.30 17.06
CA SER B 210 -16.98 -19.80 18.37
C SER B 210 -15.78 -20.33 19.17
N GLN B 211 -14.57 -20.32 18.59
CA GLN B 211 -13.40 -20.85 19.32
C GLN B 211 -12.34 -19.79 19.62
N PRO B 212 -11.45 -20.07 20.58
CA PRO B 212 -10.48 -19.02 20.95
C PRO B 212 -9.56 -18.60 19.77
N SER B 213 -9.16 -17.35 19.76
CA SER B 213 -8.21 -16.83 18.77
C SER B 213 -6.89 -17.57 18.87
N ALA B 214 -6.21 -17.72 17.75
CA ALA B 214 -4.89 -18.30 17.75
C ALA B 214 -3.84 -17.35 18.38
N VAL B 215 -4.22 -16.14 18.79
CA VAL B 215 -3.20 -15.25 19.38
C VAL B 215 -2.67 -15.84 20.68
N SER B 216 -3.47 -16.67 21.33
CA SER B 216 -3.07 -17.28 22.59
C SER B 216 -1.87 -18.23 22.41
N LEU B 217 -1.61 -18.66 21.17
CA LEU B 217 -0.49 -19.55 20.86
C LEU B 217 0.81 -18.80 20.51
N VAL B 218 0.73 -17.49 20.35
CA VAL B 218 1.91 -16.70 19.96
C VAL B 218 2.98 -16.82 21.05
N GLU B 219 2.56 -16.69 22.31
CA GLU B 219 3.42 -16.93 23.46
C GLU B 219 4.17 -18.26 23.35
N GLU B 220 3.51 -19.28 22.81
CA GLU B 220 4.09 -20.61 22.75
C GLU B 220 5.02 -20.83 21.54
N TYR B 221 4.74 -20.14 20.43
CA TYR B 221 5.56 -20.27 19.23
C TYR B 221 6.00 -18.90 18.70
N PRO B 222 6.67 -18.10 19.55
CA PRO B 222 6.98 -16.71 19.20
C PRO B 222 7.91 -16.51 17.98
N SER B 223 8.77 -17.47 17.70
CA SER B 223 9.67 -17.36 16.56
C SER B 223 9.04 -17.92 15.27
N LYS B 224 7.79 -18.33 15.35
CA LYS B 224 7.08 -18.95 14.21
C LYS B 224 5.69 -18.36 13.89
N LEU B 225 4.85 -18.12 14.90
CA LEU B 225 3.44 -17.81 14.66
C LEU B 225 3.13 -16.33 14.46
N VAL B 226 2.50 -16.03 13.33
CA VAL B 226 1.92 -14.73 13.06
C VAL B 226 0.43 -14.92 12.75
N VAL B 227 -0.38 -14.11 13.40
CA VAL B 227 -1.83 -14.13 13.21
C VAL B 227 -2.22 -12.84 12.55
N THR B 228 -3.05 -12.94 11.51
CA THR B 228 -3.56 -11.75 10.83
C THR B 228 -5.05 -11.62 11.10
N ARG B 229 -5.50 -10.37 11.07
CA ARG B 229 -6.89 -9.98 11.33
C ARG B 229 -7.19 -8.82 10.42
N THR B 230 -8.47 -8.48 10.32
CA THR B 230 -8.90 -7.45 9.38
C THR B 230 -10.06 -6.70 9.99
N MET B 231 -10.27 -5.48 9.48
CA MET B 231 -11.46 -4.70 9.79
C MET B 231 -12.45 -4.72 8.63
N SER B 232 -12.21 -5.52 7.60
CA SER B 232 -13.07 -5.55 6.42
C SER B 232 -14.40 -6.28 6.59
N LYS B 233 -14.50 -7.13 7.61
CA LYS B 233 -15.57 -8.13 7.65
C LYS B 233 -16.57 -7.85 8.76
N ALA B 234 -16.40 -8.45 9.95
CA ALA B 234 -17.28 -8.16 11.09
C ALA B 234 -17.30 -6.67 11.43
N PHE B 235 -16.14 -6.05 11.24
CA PHE B 235 -15.95 -4.66 11.65
C PHE B 235 -16.62 -3.67 10.72
N ALA B 236 -17.12 -4.12 9.55
CA ALA B 236 -17.87 -3.27 8.65
C ALA B 236 -17.07 -2.04 8.21
N PHE B 237 -15.77 -2.22 7.97
CA PHE B 237 -14.86 -1.14 7.61
C PHE B 237 -13.98 -1.52 6.40
N ALA B 238 -14.50 -2.39 5.53
CA ALA B 238 -13.87 -2.74 4.26
C ALA B 238 -13.43 -1.56 3.41
N GLY B 239 -14.28 -0.53 3.37
CA GLY B 239 -13.98 0.66 2.59
C GLY B 239 -12.77 1.45 3.09
N GLY B 240 -12.35 1.21 4.34
CA GLY B 240 -11.20 1.95 4.93
C GLY B 240 -9.87 1.25 4.74
N ARG B 241 -9.91 -0.01 4.30
CA ARG B 241 -8.72 -0.83 4.03
C ARG B 241 -7.72 -0.82 5.19
N LEU B 242 -8.02 -1.56 6.23
CA LEU B 242 -7.16 -1.66 7.40
C LEU B 242 -7.05 -3.11 7.86
N GLY B 243 -5.85 -3.67 7.78
CA GLY B 243 -5.55 -5.01 8.28
C GLY B 243 -4.39 -4.97 9.26
N TYR B 244 -4.20 -6.04 10.02
CA TYR B 244 -3.14 -6.04 11.00
C TYR B 244 -2.73 -7.45 11.37
N LEU B 245 -1.54 -7.55 11.93
CA LEU B 245 -1.03 -8.83 12.36
C LEU B 245 -0.75 -8.74 13.84
N ILE B 246 -0.70 -9.91 14.46
CA ILE B 246 -0.31 -10.05 15.85
C ILE B 246 0.80 -11.08 15.94
N ALA B 247 1.86 -10.73 16.67
CA ALA B 247 3.08 -11.51 16.74
C ALA B 247 4.01 -11.01 17.84
N THR B 248 5.15 -11.70 17.97
CA THR B 248 6.18 -11.33 18.95
C THR B 248 6.78 -10.01 18.48
N PRO B 249 7.29 -9.16 19.41
CA PRO B 249 7.73 -7.85 18.95
C PRO B 249 8.80 -7.81 17.85
N ALA B 250 9.66 -8.82 17.76
CA ALA B 250 10.70 -8.85 16.74
C ALA B 250 10.12 -8.90 15.32
N VAL B 251 8.93 -9.47 15.17
CA VAL B 251 8.29 -9.54 13.85
C VAL B 251 7.95 -8.13 13.34
N ILE B 252 7.59 -7.23 14.26
CA ILE B 252 7.32 -5.83 13.89
C ILE B 252 8.59 -5.18 13.34
N ASP B 253 9.72 -5.47 13.97
CA ASP B 253 10.99 -4.94 13.50
C ASP B 253 11.26 -5.43 12.08
N ALA B 254 10.87 -6.66 11.80
CA ALA B 254 10.99 -7.21 10.45
C ALA B 254 10.11 -6.45 9.47
N MET B 255 8.88 -6.14 9.87
CA MET B 255 7.96 -5.36 9.02
C MET B 255 8.50 -4.00 8.66
N LEU B 256 9.23 -3.38 9.58
CA LEU B 256 9.85 -2.07 9.33
C LEU B 256 10.93 -2.09 8.25
N LEU B 257 11.58 -3.24 8.05
CA LEU B 257 12.55 -3.39 6.97
C LEU B 257 11.93 -3.52 5.59
N VAL B 258 10.66 -3.95 5.51
CA VAL B 258 10.04 -4.18 4.19
C VAL B 258 8.92 -3.21 3.87
N ARG B 259 8.31 -2.62 4.89
CA ARG B 259 7.20 -1.69 4.66
C ARG B 259 7.70 -0.49 3.88
N LEU B 260 6.84 0.06 3.05
CA LEU B 260 7.10 1.31 2.38
C LEU B 260 6.82 2.39 3.41
N PRO B 261 7.77 3.31 3.63
CA PRO B 261 7.57 4.31 4.69
C PRO B 261 6.33 5.17 4.45
N TYR B 262 5.59 5.49 5.51
CA TYR B 262 4.36 6.27 5.45
C TYR B 262 3.27 5.60 4.65
N HIS B 263 3.26 4.27 4.68
CA HIS B 263 2.27 3.49 3.95
C HIS B 263 0.86 3.72 4.50
N LEU B 264 0.73 4.18 5.74
CA LEU B 264 -0.58 4.35 6.33
C LEU B 264 -0.90 5.84 6.46
N SER B 265 -1.93 6.29 5.73
CA SER B 265 -2.20 7.71 5.66
C SER B 265 -2.73 8.21 6.99
N SER B 266 -2.62 9.52 7.21
CA SER B 266 -3.11 10.17 8.43
CA SER B 266 -3.10 10.13 8.45
C SER B 266 -4.61 10.06 8.49
N VAL B 267 -5.21 10.05 7.31
CA VAL B 267 -6.64 9.92 7.15
C VAL B 267 -7.09 8.49 7.46
N THR B 268 -6.37 7.50 6.97
CA THR B 268 -6.66 6.10 7.27
C THR B 268 -6.48 5.80 8.76
N GLN B 269 -5.44 6.35 9.35
CA GLN B 269 -5.20 6.17 10.78
C GLN B 269 -6.31 6.78 11.65
N ALA B 270 -6.79 7.97 11.31
CA ALA B 270 -7.82 8.61 12.12
C ALA B 270 -9.16 7.91 11.95
N ALA B 271 -9.49 7.53 10.72
CA ALA B 271 -10.76 6.83 10.46
C ALA B 271 -10.85 5.51 11.22
N ALA B 272 -9.78 4.72 11.18
CA ALA B 272 -9.75 3.43 11.80
C ALA B 272 -9.79 3.54 13.31
N ARG B 273 -9.06 4.50 13.87
CA ARG B 273 -9.15 4.75 15.31
C ARG B 273 -10.56 5.13 15.76
N ALA B 274 -11.25 5.93 14.95
CA ALA B 274 -12.64 6.27 15.23
C ALA B 274 -13.52 5.01 15.18
N ALA B 275 -13.35 4.18 14.15
CA ALA B 275 -14.15 2.95 14.05
C ALA B 275 -13.95 2.03 15.28
N LEU B 276 -12.71 1.92 15.75
CA LEU B 276 -12.40 1.11 16.92
C LEU B 276 -13.10 1.60 18.20
N ARG B 277 -13.26 2.91 18.36
CA ARG B 277 -14.03 3.45 19.50
C ARG B 277 -15.49 2.99 19.53
N HIS B 278 -15.97 2.41 18.43
CA HIS B 278 -17.33 1.90 18.37
C HIS B 278 -17.37 0.40 18.10
N SER B 279 -16.36 -0.32 18.56
CA SER B 279 -16.25 -1.75 18.29
C SER B 279 -17.37 -2.55 18.94
N ASP B 280 -17.66 -2.27 20.22
CA ASP B 280 -18.74 -2.99 20.92
C ASP B 280 -20.05 -2.87 20.14
N ASP B 281 -20.37 -1.65 19.73
CA ASP B 281 -21.61 -1.39 19.04
C ASP B 281 -21.62 -2.04 17.64
N THR B 282 -20.53 -1.85 16.90
CA THR B 282 -20.41 -2.51 15.60
C THR B 282 -20.52 -4.04 15.72
N LEU B 283 -19.79 -4.61 16.67
CA LEU B 283 -19.76 -6.07 16.78
C LEU B 283 -20.99 -6.68 17.45
N SER B 284 -21.92 -5.85 17.94
CA SER B 284 -23.16 -6.40 18.51
C SER B 284 -24.03 -7.11 17.46
N SER B 285 -23.70 -6.94 16.18
CA SER B 285 -24.37 -7.66 15.09
C SER B 285 -23.93 -9.10 14.92
N VAL B 286 -22.76 -9.42 15.46
CA VAL B 286 -22.17 -10.73 15.25
C VAL B 286 -23.17 -11.83 15.57
N ALA B 287 -23.73 -11.82 16.77
CA ALA B 287 -24.69 -12.88 17.16
C ALA B 287 -25.86 -13.01 16.18
N ALA B 288 -26.41 -11.89 15.73
CA ALA B 288 -27.54 -11.87 14.79
C ALA B 288 -27.15 -12.43 13.42
N LEU B 289 -25.96 -12.07 12.95
CA LEU B 289 -25.43 -12.65 11.71
C LEU B 289 -25.27 -14.15 11.79
N ILE B 290 -24.76 -14.62 12.91
CA ILE B 290 -24.60 -16.06 13.12
C ILE B 290 -25.94 -16.78 13.11
N ALA B 291 -26.94 -16.18 13.75
CA ALA B 291 -28.27 -16.73 13.80
C ALA B 291 -28.85 -16.85 12.39
N GLU B 292 -28.68 -15.80 11.59
CA GLU B 292 -29.07 -15.83 10.20
C GLU B 292 -28.35 -16.92 9.41
N ARG B 293 -27.04 -17.01 9.55
CA ARG B 293 -26.25 -18.06 8.90
C ARG B 293 -26.75 -19.47 9.26
N GLU B 294 -27.11 -19.67 10.52
CA GLU B 294 -27.65 -20.95 10.97
C GLU B 294 -29.03 -21.21 10.40
N ARG B 295 -29.84 -20.15 10.29
CA ARG B 295 -31.16 -20.29 9.70
C ARG B 295 -31.03 -20.67 8.22
N VAL B 296 -30.14 -19.98 7.51
CA VAL B 296 -29.87 -20.31 6.13
C VAL B 296 -29.45 -21.79 6.01
N THR B 297 -28.53 -22.20 6.86
CA THR B 297 -28.02 -23.58 6.85
C THR B 297 -29.12 -24.64 6.99
N THR B 298 -30.01 -24.45 7.95
CA THR B 298 -31.12 -25.36 8.22
C THR B 298 -32.06 -25.40 7.03
N SER B 299 -32.48 -24.22 6.61
CA SER B 299 -33.36 -24.08 5.47
C SER B 299 -32.77 -24.76 4.22
N LEU B 300 -31.51 -24.45 3.91
CA LEU B 300 -30.83 -25.11 2.80
C LEU B 300 -30.81 -26.65 2.95
N ASN B 301 -30.51 -27.13 4.15
CA ASN B 301 -30.56 -28.56 4.41
C ASN B 301 -31.95 -29.13 4.14
N ASP B 302 -32.99 -28.47 4.63
CA ASP B 302 -34.36 -28.96 4.46
C ASP B 302 -34.77 -29.09 3.00
N MET B 303 -34.12 -28.32 2.12
CA MET B 303 -34.40 -28.35 0.69
C MET B 303 -33.56 -29.36 -0.09
N GLY B 304 -32.67 -30.08 0.59
CA GLY B 304 -31.84 -31.08 -0.07
C GLY B 304 -30.37 -30.72 -0.23
N PHE B 305 -30.00 -29.48 0.05
CA PHE B 305 -28.62 -29.04 -0.14
C PHE B 305 -27.73 -29.63 0.93
N ARG B 306 -26.47 -29.88 0.59
CA ARG B 306 -25.44 -30.16 1.59
C ARG B 306 -24.73 -28.85 1.92
N VAL B 307 -24.63 -28.54 3.20
CA VAL B 307 -23.99 -27.32 3.65
C VAL B 307 -22.82 -27.65 4.57
N ILE B 308 -21.62 -27.17 4.24
CA ILE B 308 -20.46 -27.39 5.12
C ILE B 308 -20.73 -26.56 6.36
N PRO B 309 -20.62 -27.16 7.55
CA PRO B 309 -20.83 -26.35 8.76
C PRO B 309 -19.84 -25.20 8.82
N SER B 310 -20.34 -23.99 9.05
CA SER B 310 -19.50 -22.81 9.03
C SER B 310 -19.34 -22.20 10.40
N ASP B 311 -18.22 -21.49 10.56
CA ASP B 311 -17.90 -20.77 11.78
C ASP B 311 -17.63 -19.30 11.42
N ALA B 312 -18.21 -18.84 10.31
CA ALA B 312 -17.99 -17.47 9.82
C ALA B 312 -19.32 -16.80 9.43
N ASN B 313 -19.25 -15.88 8.47
CA ASN B 313 -20.42 -15.14 8.01
C ASN B 313 -20.80 -15.52 6.58
N PHE B 314 -20.60 -16.80 6.24
CA PHE B 314 -21.00 -17.32 4.94
C PHE B 314 -21.15 -18.84 5.02
N VAL B 315 -21.55 -19.44 3.91
CA VAL B 315 -21.78 -20.86 3.87
C VAL B 315 -21.32 -21.41 2.51
N LEU B 316 -20.50 -22.46 2.53
CA LEU B 316 -20.19 -23.21 1.33
C LEU B 316 -21.27 -24.29 1.22
N PHE B 317 -21.95 -24.35 0.08
CA PHE B 317 -23.04 -25.30 -0.07
C PHE B 317 -23.11 -25.86 -1.49
N GLY B 318 -23.75 -27.02 -1.62
CA GLY B 318 -23.89 -27.75 -2.89
C GLY B 318 -24.92 -28.87 -2.72
N GLU B 319 -24.80 -30.02 -3.42
CA GLU B 319 -23.80 -30.27 -4.45
C GLU B 319 -24.46 -30.14 -5.80
N PHE B 320 -24.02 -29.14 -6.57
CA PHE B 320 -24.58 -28.88 -7.89
C PHE B 320 -23.99 -29.80 -8.94
N ALA B 321 -24.80 -30.26 -9.87
CA ALA B 321 -24.29 -30.97 -11.03
C ALA B 321 -23.41 -30.03 -11.84
N ASP B 322 -23.77 -28.75 -11.89
CA ASP B 322 -22.96 -27.72 -12.54
C ASP B 322 -22.95 -26.42 -11.74
N ALA B 323 -21.90 -26.22 -10.95
CA ALA B 323 -21.86 -25.10 -9.99
C ALA B 323 -21.82 -23.73 -10.69
N PRO B 324 -20.96 -23.58 -11.71
CA PRO B 324 -21.01 -22.29 -12.41
C PRO B 324 -22.37 -22.01 -13.06
N ALA B 325 -22.99 -23.02 -13.65
CA ALA B 325 -24.32 -22.90 -14.24
C ALA B 325 -25.33 -22.43 -13.19
N ALA B 326 -25.29 -23.11 -12.04
CA ALA B 326 -26.09 -22.75 -10.89
C ALA B 326 -25.84 -21.30 -10.46
N TRP B 327 -24.56 -20.92 -10.40
CA TRP B 327 -24.21 -19.54 -10.10
C TRP B 327 -24.90 -18.54 -11.06
N ARG B 328 -25.07 -18.94 -12.32
CA ARG B 328 -25.74 -18.09 -13.32
C ARG B 328 -27.27 -18.05 -13.10
N ARG B 329 -27.88 -19.17 -12.69
CA ARG B 329 -29.31 -19.17 -12.33
C ARG B 329 -29.56 -18.18 -11.20
N TYR B 330 -28.81 -18.30 -10.11
CA TYR B 330 -28.91 -17.33 -9.00
C TYR B 330 -28.82 -15.92 -9.54
N LEU B 331 -27.79 -15.66 -10.32
CA LEU B 331 -27.61 -14.35 -10.95
C LEU B 331 -28.84 -13.87 -11.74
N GLU B 332 -29.39 -14.73 -12.60
CA GLU B 332 -30.60 -14.41 -13.35
C GLU B 332 -31.77 -14.11 -12.42
N ALA B 333 -31.85 -14.87 -11.33
CA ALA B 333 -32.84 -14.65 -10.31
C ALA B 333 -32.60 -13.39 -9.45
N GLY B 334 -31.53 -12.64 -9.73
CA GLY B 334 -31.25 -11.38 -9.02
C GLY B 334 -30.30 -11.54 -7.83
N ILE B 335 -29.75 -12.73 -7.66
CA ILE B 335 -28.92 -13.07 -6.50
C ILE B 335 -27.46 -13.35 -6.89
N LEU B 336 -26.56 -12.50 -6.37
CA LEU B 336 -25.13 -12.62 -6.61
C LEU B 336 -24.41 -13.29 -5.44
N ILE B 337 -24.00 -14.53 -5.65
CA ILE B 337 -23.16 -15.22 -4.68
C ILE B 337 -21.79 -15.38 -5.33
N ARG B 338 -20.94 -16.25 -4.80
CA ARG B 338 -19.57 -16.35 -5.30
C ARG B 338 -19.25 -17.75 -5.77
N ASP B 339 -18.76 -17.85 -6.99
CA ASP B 339 -18.16 -19.08 -7.44
C ASP B 339 -16.68 -19.04 -7.09
N VAL B 340 -16.24 -19.93 -6.21
CA VAL B 340 -14.84 -19.96 -5.78
C VAL B 340 -14.07 -21.06 -6.51
N GLY B 341 -14.66 -21.57 -7.58
CA GLY B 341 -14.00 -22.54 -8.44
C GLY B 341 -13.94 -23.91 -7.84
N ILE B 342 -14.89 -24.24 -6.97
CA ILE B 342 -14.98 -25.58 -6.41
C ILE B 342 -16.12 -26.29 -7.13
N PRO B 343 -15.80 -27.32 -7.94
CA PRO B 343 -16.85 -28.05 -8.64
C PRO B 343 -17.95 -28.49 -7.70
N GLY B 344 -19.21 -28.27 -8.07
CA GLY B 344 -20.33 -28.67 -7.23
C GLY B 344 -20.72 -27.76 -6.07
N TYR B 345 -19.95 -26.72 -5.79
CA TYR B 345 -20.24 -25.86 -4.61
C TYR B 345 -20.12 -24.38 -4.91
N LEU B 346 -20.92 -23.59 -4.17
CA LEU B 346 -20.92 -22.14 -4.27
C LEU B 346 -20.85 -21.53 -2.85
N ARG B 347 -20.40 -20.28 -2.75
CA ARG B 347 -20.28 -19.58 -1.44
C ARG B 347 -21.27 -18.40 -1.29
N ALA B 348 -22.16 -18.50 -0.30
CA ALA B 348 -23.20 -17.49 -0.04
C ALA B 348 -22.93 -16.77 1.26
N THR B 349 -22.66 -15.49 1.14
CA THR B 349 -22.47 -14.61 2.30
C THR B 349 -23.81 -14.38 3.01
N THR B 350 -23.75 -14.23 4.33
CA THR B 350 -24.92 -13.99 5.14
C THR B 350 -25.13 -12.49 5.19
N GLY B 351 -26.30 -12.05 4.74
CA GLY B 351 -26.59 -10.62 4.65
C GLY B 351 -27.75 -10.25 5.55
N LEU B 352 -28.45 -9.18 5.19
CA LEU B 352 -29.69 -8.85 5.87
C LEU B 352 -30.69 -9.99 5.72
N ALA B 353 -31.58 -10.12 6.70
CA ALA B 353 -32.68 -11.10 6.67
C ALA B 353 -33.42 -11.16 5.33
N GLU B 354 -33.76 -10.00 4.79
CA GLU B 354 -34.47 -9.89 3.51
C GLU B 354 -33.67 -10.53 2.39
N GLU B 355 -32.36 -10.30 2.42
CA GLU B 355 -31.48 -10.79 1.36
C GLU B 355 -31.36 -12.30 1.46
N ASN B 356 -31.19 -12.80 2.68
CA ASN B 356 -31.13 -14.24 2.89
C ASN B 356 -32.41 -14.94 2.46
N ASP B 357 -33.56 -14.31 2.76
CA ASP B 357 -34.86 -14.86 2.35
C ASP B 357 -34.92 -14.97 0.83
N ALA B 358 -34.49 -13.92 0.13
CA ALA B 358 -34.47 -13.91 -1.32
C ALA B 358 -33.53 -15.00 -1.87
N PHE B 359 -32.35 -15.12 -1.26
CA PHE B 359 -31.41 -16.19 -1.65
C PHE B 359 -32.05 -17.54 -1.48
N LEU B 360 -32.69 -17.73 -0.33
CA LEU B 360 -33.31 -18.98 0.04
C LEU B 360 -34.44 -19.32 -0.92
N ARG B 361 -35.26 -18.31 -1.21
CA ARG B 361 -36.38 -18.39 -2.16
C ARG B 361 -35.90 -18.83 -3.53
N ALA B 362 -34.84 -18.20 -4.04
CA ALA B 362 -34.25 -18.68 -5.29
C ALA B 362 -33.72 -20.12 -5.15
N SER B 363 -33.08 -20.40 -4.02
CA SER B 363 -32.50 -21.73 -3.79
C SER B 363 -33.53 -22.87 -3.88
N ALA B 364 -34.80 -22.56 -3.63
CA ALA B 364 -35.85 -23.56 -3.67
C ALA B 364 -36.10 -24.12 -5.08
N ARG B 365 -35.95 -23.28 -6.10
CA ARG B 365 -36.19 -23.70 -7.49
C ARG B 365 -34.92 -24.28 -8.08
N ILE B 366 -33.80 -23.68 -7.72
CA ILE B 366 -32.48 -24.14 -8.16
C ILE B 366 -32.10 -25.50 -7.53
N ALA B 367 -32.76 -25.87 -6.43
CA ALA B 367 -32.58 -27.21 -5.83
C ALA B 367 -32.68 -28.37 -6.83
N THR B 368 -33.47 -28.19 -7.88
CA THR B 368 -33.66 -29.24 -8.89
C THR B 368 -32.40 -29.53 -9.72
N ASP B 369 -31.37 -28.68 -9.60
CA ASP B 369 -30.06 -28.90 -10.26
C ASP B 369 -29.04 -29.61 -9.37
N LEU B 370 -29.50 -30.24 -8.30
CA LEU B 370 -28.61 -30.94 -7.37
C LEU B 370 -28.40 -32.39 -7.76
N VAL B 371 -27.16 -32.84 -7.60
CA VAL B 371 -26.79 -34.23 -7.80
C VAL B 371 -27.64 -35.08 -6.83
N PRO B 372 -28.26 -36.17 -7.34
CA PRO B 372 -29.05 -37.06 -6.47
C PRO B 372 -28.17 -38.02 -5.68
#